data_4IJV
#
_entry.id   4IJV
#
_cell.length_a   74.400
_cell.length_b   94.000
_cell.length_c   167.800
_cell.angle_alpha   90.00
_cell.angle_beta   90.00
_cell.angle_gamma   90.00
#
_symmetry.space_group_name_H-M   'P 21 21 21'
#
loop_
_entity.id
_entity.type
_entity.pdbx_description
1 polymer 'Corticosteroid 11-beta-dehydrogenase isozyme 1'
2 non-polymer 'NADP NICOTINAMIDE-ADENINE-DINUCLEOTIDE PHOSPHATE'
3 non-polymer 3-[1-(4-chlorophenyl)cyclopropyl]-8-(2-fluorophenoxy)[1,2,4]triazolo[4,3-a]pyridine
4 water water
#
_entity_poly.entity_id   1
_entity_poly.type   'polypeptide(L)'
_entity_poly.pdbx_seq_one_letter_code
;GSHMASMTGGQQMGRGSNEEFRPEMLQGKKVIVTGASKGIGREMAYHLAKMGAHVVVTARSKETLQKVVSHCLELGAASA
HYIAGTMEDMTFAEQFVAQAGKLMGGLDMLILNHITNTSLNLFHDDIHHVRKSMEVNFLSYVVLTVAALPMLKQSNGSIV
VVSSLAGKVAYPMVAAYSASKFALDGFFSSIRKEYSVSRVNVSITLCVLGLIDTETAMKAVSGIVHMQAAPKEECALEII
KGGALRQEEVYYDSSRWTTLLIRNPCRKILEELYSTSYNMDRFINK
;
_entity_poly.pdbx_strand_id   A,B,D,E
#
# COMPACT_ATOMS: atom_id res chain seq x y z
N GLU A 20 24.55 8.88 -5.85
CA GLU A 20 24.75 10.16 -5.16
C GLU A 20 25.22 11.25 -6.12
N PHE A 21 24.53 12.40 -6.07
CA PHE A 21 24.78 13.57 -6.90
C PHE A 21 26.09 14.29 -6.60
N ARG A 22 26.70 14.81 -7.68
CA ARG A 22 27.89 15.62 -7.72
C ARG A 22 27.64 16.79 -8.68
N PRO A 23 27.97 18.05 -8.29
CA PRO A 23 27.75 19.19 -9.21
C PRO A 23 28.44 19.07 -10.56
N GLU A 24 29.52 18.26 -10.63
CA GLU A 24 30.31 18.03 -11.84
C GLU A 24 29.51 17.28 -12.93
N MET A 25 28.42 16.59 -12.54
CA MET A 25 27.54 15.87 -13.45
C MET A 25 26.89 16.84 -14.47
N LEU A 26 26.75 18.14 -14.12
CA LEU A 26 26.18 19.17 -14.99
C LEU A 26 27.23 20.02 -15.75
N GLN A 27 28.53 19.86 -15.40
CA GLN A 27 29.63 20.59 -16.04
C GLN A 27 29.67 20.32 -17.55
N GLY A 28 29.47 21.37 -18.34
CA GLY A 28 29.46 21.28 -19.80
C GLY A 28 28.20 20.70 -20.42
N LYS A 29 27.17 20.43 -19.60
CA LYS A 29 25.90 19.90 -20.08
C LYS A 29 25.08 21.01 -20.73
N LYS A 30 24.33 20.66 -21.76
CA LYS A 30 23.50 21.57 -22.52
C LYS A 30 22.06 21.46 -22.00
N VAL A 31 21.63 22.51 -21.27
CA VAL A 31 20.36 22.54 -20.57
C VAL A 31 19.41 23.67 -20.98
N ILE A 32 18.13 23.32 -21.18
CA ILE A 32 17.02 24.23 -21.41
C ILE A 32 16.28 24.33 -20.08
N VAL A 33 15.93 25.56 -19.67
CA VAL A 33 15.09 25.82 -18.48
C VAL A 33 13.95 26.71 -18.95
N THR A 34 12.69 26.25 -18.83
CA THR A 34 11.53 27.06 -19.19
C THR A 34 11.05 27.73 -17.93
N GLY A 35 10.29 28.82 -18.07
CA GLY A 35 9.78 29.60 -16.94
C GLY A 35 10.91 30.00 -16.01
N ALA A 36 12.01 30.46 -16.62
CA ALA A 36 13.27 30.77 -15.95
C ALA A 36 13.55 32.24 -15.67
N SER A 37 12.55 33.12 -15.87
CA SER A 37 12.73 34.56 -15.59
C SER A 37 12.57 34.84 -14.09
N LYS A 38 11.86 33.94 -13.37
CA LYS A 38 11.63 34.05 -11.92
C LYS A 38 11.40 32.71 -11.25
N GLY A 39 11.25 32.75 -9.93
CA GLY A 39 10.95 31.63 -9.05
C GLY A 39 11.92 30.48 -9.10
N ILE A 40 11.38 29.25 -9.13
CA ILE A 40 12.15 28.01 -9.15
C ILE A 40 13.02 27.93 -10.40
N GLY A 41 12.44 28.27 -11.55
CA GLY A 41 13.10 28.27 -12.85
C GLY A 41 14.38 29.09 -12.86
N ARG A 42 14.31 30.34 -12.32
CA ARG A 42 15.48 31.24 -12.21
C ARG A 42 16.54 30.62 -11.30
N GLU A 43 16.11 30.04 -10.15
CA GLU A 43 17.02 29.37 -9.20
C GLU A 43 17.76 28.19 -9.87
N MET A 44 17.05 27.43 -10.73
CA MET A 44 17.63 26.29 -11.48
C MET A 44 18.69 26.78 -12.44
N ALA A 45 18.40 27.89 -13.18
CA ALA A 45 19.36 28.50 -14.12
C ALA A 45 20.65 28.88 -13.39
N TYR A 46 20.53 29.47 -12.19
CA TYR A 46 21.64 29.90 -11.33
C TYR A 46 22.47 28.73 -10.83
N HIS A 47 21.81 27.65 -10.36
CA HIS A 47 22.53 26.45 -9.92
C HIS A 47 23.32 25.86 -11.08
N LEU A 48 22.69 25.76 -12.28
CA LEU A 48 23.33 25.21 -13.48
C LEU A 48 24.51 26.03 -13.93
N ALA A 49 24.41 27.35 -13.81
CA ALA A 49 25.48 28.32 -14.13
C ALA A 49 26.69 28.06 -13.24
N LYS A 50 26.47 27.94 -11.90
CA LYS A 50 27.51 27.63 -10.90
C LYS A 50 28.18 26.29 -11.19
N MET A 51 27.44 25.33 -11.77
CA MET A 51 27.92 24.00 -12.10
C MET A 51 28.70 23.96 -13.41
N GLY A 52 28.66 25.07 -14.17
CA GLY A 52 29.38 25.19 -15.43
C GLY A 52 28.65 24.56 -16.61
N ALA A 53 27.32 24.62 -16.60
CA ALA A 53 26.53 24.07 -17.71
C ALA A 53 26.34 25.13 -18.81
N HIS A 54 25.95 24.70 -20.00
CA HIS A 54 25.56 25.58 -21.11
C HIS A 54 24.05 25.74 -20.84
N VAL A 55 23.57 26.98 -20.83
CA VAL A 55 22.20 27.28 -20.43
C VAL A 55 21.40 28.13 -21.44
N VAL A 56 20.17 27.71 -21.75
CA VAL A 56 19.25 28.47 -22.59
C VAL A 56 17.97 28.59 -21.79
N VAL A 57 17.64 29.82 -21.38
CA VAL A 57 16.49 30.13 -20.55
C VAL A 57 15.36 30.75 -21.37
N THR A 58 14.12 30.49 -20.97
CA THR A 58 12.96 31.05 -21.64
C THR A 58 11.88 31.43 -20.66
N ALA A 59 11.01 32.37 -21.07
CA ALA A 59 9.85 32.98 -20.39
C ALA A 59 9.41 34.11 -21.34
N ARG A 60 8.37 34.85 -20.99
CA ARG A 60 7.89 35.91 -21.85
C ARG A 60 8.71 37.20 -21.76
N SER A 61 9.18 37.57 -20.57
CA SER A 61 9.89 38.84 -20.34
C SER A 61 11.37 38.88 -20.72
N LYS A 62 11.70 39.49 -21.87
CA LYS A 62 13.08 39.59 -22.37
C LYS A 62 14.02 40.32 -21.42
N GLU A 63 13.52 41.40 -20.77
CA GLU A 63 14.28 42.23 -19.82
C GLU A 63 14.73 41.47 -18.60
N THR A 64 13.82 40.67 -18.01
CA THR A 64 14.14 39.85 -16.83
C THR A 64 15.05 38.70 -17.25
N LEU A 65 14.81 38.10 -18.43
CA LEU A 65 15.67 37.01 -18.94
C LEU A 65 17.11 37.50 -19.21
N GLN A 66 17.28 38.74 -19.70
CA GLN A 66 18.60 39.39 -19.92
C GLN A 66 19.42 39.40 -18.63
N LYS A 67 18.78 39.75 -17.50
CA LYS A 67 19.40 39.83 -16.18
C LYS A 67 19.80 38.44 -15.66
N VAL A 68 18.95 37.41 -15.89
CA VAL A 68 19.20 36.01 -15.49
C VAL A 68 20.43 35.53 -16.28
N VAL A 69 20.46 35.78 -17.61
CA VAL A 69 21.58 35.41 -18.48
C VAL A 69 22.89 36.07 -18.01
N SER A 70 22.87 37.41 -17.80
CA SER A 70 24.03 38.17 -17.31
C SER A 70 24.54 37.59 -15.98
N HIS A 71 23.63 37.31 -15.04
CA HIS A 71 24.00 36.71 -13.76
C HIS A 71 24.53 35.27 -13.92
N CYS A 72 23.95 34.47 -14.87
CA CYS A 72 24.40 33.10 -15.16
C CYS A 72 25.86 33.11 -15.61
N LEU A 73 26.23 34.07 -16.47
CA LEU A 73 27.59 34.24 -16.96
C LEU A 73 28.55 34.59 -15.81
N GLU A 74 28.11 35.50 -14.88
CA GLU A 74 28.89 35.87 -13.68
C GLU A 74 29.14 34.65 -12.80
N LEU A 75 28.11 33.77 -12.67
CA LEU A 75 28.18 32.57 -11.83
C LEU A 75 29.09 31.47 -12.36
N GLY A 76 29.45 31.55 -13.64
CA GLY A 76 30.35 30.59 -14.27
C GLY A 76 29.73 29.62 -15.25
N ALA A 77 28.64 30.04 -15.94
CA ALA A 77 28.01 29.22 -16.97
C ALA A 77 28.98 29.11 -18.16
N ALA A 78 29.07 27.91 -18.78
CA ALA A 78 29.91 27.67 -19.95
C ALA A 78 29.45 28.58 -21.12
N SER A 79 28.13 28.84 -21.19
CA SER A 79 27.46 29.74 -22.13
C SER A 79 26.05 29.96 -21.60
N ALA A 80 25.43 31.08 -21.96
CA ALA A 80 24.09 31.41 -21.49
C ALA A 80 23.41 32.27 -22.51
N HIS A 81 22.18 31.90 -22.85
CA HIS A 81 21.35 32.60 -23.79
C HIS A 81 19.91 32.60 -23.30
N TYR A 82 19.10 33.49 -23.88
CA TYR A 82 17.68 33.53 -23.63
C TYR A 82 16.97 33.66 -24.95
N ILE A 83 15.74 33.13 -25.02
CA ILE A 83 14.83 33.29 -26.15
C ILE A 83 13.48 33.62 -25.50
N ALA A 84 12.97 34.83 -25.70
CA ALA A 84 11.69 35.23 -25.09
C ALA A 84 10.50 34.90 -25.96
N GLY A 85 9.44 34.41 -25.31
CA GLY A 85 8.21 34.05 -25.99
C GLY A 85 7.17 33.44 -25.07
N THR A 86 5.95 33.32 -25.58
CA THR A 86 4.84 32.72 -24.86
C THR A 86 4.64 31.26 -25.20
N MET A 87 4.47 30.45 -24.15
CA MET A 87 4.23 29.01 -24.30
C MET A 87 2.77 28.69 -24.66
N GLU A 88 1.95 29.73 -24.88
CA GLU A 88 0.57 29.63 -25.40
C GLU A 88 0.66 29.33 -26.91
N ASP A 89 1.79 29.73 -27.51
CA ASP A 89 2.10 29.58 -28.91
C ASP A 89 2.95 28.33 -29.12
N MET A 90 2.32 27.28 -29.66
CA MET A 90 2.93 25.98 -29.95
C MET A 90 4.02 26.05 -31.02
N THR A 91 3.92 27.03 -31.93
CA THR A 91 4.92 27.27 -32.98
C THR A 91 6.19 27.84 -32.31
N PHE A 92 6.03 28.79 -31.37
CA PHE A 92 7.15 29.35 -30.61
C PHE A 92 7.85 28.23 -29.87
N ALA A 93 7.08 27.37 -29.13
CA ALA A 93 7.58 26.25 -28.35
C ALA A 93 8.48 25.34 -29.18
N GLU A 94 7.97 24.95 -30.36
CA GLU A 94 8.68 24.09 -31.31
C GLU A 94 9.95 24.76 -31.88
N GLN A 95 9.85 26.03 -32.29
CA GLN A 95 11.00 26.75 -32.87
C GLN A 95 12.03 27.09 -31.82
N PHE A 96 11.59 27.35 -30.57
CA PHE A 96 12.46 27.62 -29.44
C PHE A 96 13.49 26.51 -29.23
N VAL A 97 13.05 25.25 -29.25
CA VAL A 97 13.93 24.09 -29.01
C VAL A 97 15.04 24.03 -30.06
N ALA A 98 14.65 24.12 -31.34
CA ALA A 98 15.57 24.06 -32.48
C ALA A 98 16.66 25.11 -32.33
N GLN A 99 16.25 26.34 -32.02
CA GLN A 99 17.08 27.51 -31.84
C GLN A 99 18.02 27.34 -30.65
N ALA A 100 17.49 26.79 -29.54
CA ALA A 100 18.26 26.52 -28.34
C ALA A 100 19.35 25.45 -28.59
N GLY A 101 19.01 24.38 -29.31
CA GLY A 101 19.93 23.31 -29.66
C GLY A 101 21.01 23.73 -30.65
N LYS A 102 20.70 24.68 -31.56
CA LYS A 102 21.62 25.26 -32.55
C LYS A 102 22.64 26.18 -31.82
N LEU A 103 22.19 26.90 -30.79
CA LEU A 103 23.09 27.78 -30.02
C LEU A 103 24.11 26.96 -29.24
N MET A 104 23.65 25.84 -28.66
CA MET A 104 24.46 24.97 -27.80
C MET A 104 25.17 23.84 -28.51
N GLY A 105 24.71 23.50 -29.71
CA GLY A 105 25.23 22.38 -30.48
C GLY A 105 24.71 21.06 -29.90
N GLY A 106 23.44 21.06 -29.48
CA GLY A 106 22.79 19.89 -28.90
C GLY A 106 22.00 20.14 -27.63
N LEU A 107 21.60 19.05 -26.96
CA LEU A 107 20.80 19.12 -25.75
C LEU A 107 20.95 17.89 -24.89
N ASP A 108 21.23 18.09 -23.60
CA ASP A 108 21.38 17.02 -22.61
C ASP A 108 20.19 16.95 -21.65
N MET A 109 19.61 18.10 -21.29
CA MET A 109 18.53 18.15 -20.33
C MET A 109 17.51 19.23 -20.69
N LEU A 110 16.23 18.83 -20.68
CA LEU A 110 15.08 19.68 -20.97
C LEU A 110 14.30 19.84 -19.68
N ILE A 111 14.36 21.05 -19.07
CA ILE A 111 13.64 21.32 -17.82
C ILE A 111 12.36 22.10 -18.12
N LEU A 112 11.23 21.41 -17.96
CA LEU A 112 9.90 21.94 -18.24
C LEU A 112 9.30 22.39 -16.93
N ASN A 113 9.22 23.71 -16.74
CA ASN A 113 8.87 24.33 -15.47
C ASN A 113 7.78 25.41 -15.50
N HIS A 114 7.62 26.12 -16.63
CA HIS A 114 6.63 27.18 -16.77
C HIS A 114 5.17 26.72 -16.53
N ILE A 115 4.33 27.66 -16.07
CA ILE A 115 2.89 27.49 -15.88
C ILE A 115 2.19 28.78 -16.29
N THR A 116 0.91 28.71 -16.61
CA THR A 116 0.13 29.91 -16.90
C THR A 116 -0.22 30.54 -15.53
N ASN A 117 -0.47 31.86 -15.50
CA ASN A 117 -0.83 32.58 -14.29
C ASN A 117 -2.13 32.00 -13.72
N THR A 118 -2.10 31.66 -12.44
CA THR A 118 -3.23 31.05 -11.75
C THR A 118 -3.37 31.60 -10.35
N SER A 119 -4.61 31.67 -9.87
CA SER A 119 -4.85 32.13 -8.51
C SER A 119 -5.72 31.08 -7.83
N LEU A 120 -5.78 31.10 -6.49
CA LEU A 120 -6.60 30.14 -5.77
C LEU A 120 -8.02 30.69 -5.78
N ASN A 121 -8.96 29.95 -6.39
CA ASN A 121 -10.37 30.32 -6.49
C ASN A 121 -11.20 29.06 -6.67
N LEU A 122 -12.48 29.14 -6.27
CA LEU A 122 -13.44 28.06 -6.45
C LEU A 122 -13.76 28.03 -7.94
N PHE A 123 -13.98 26.83 -8.48
CA PHE A 123 -14.33 26.72 -9.88
C PHE A 123 -15.85 26.99 -10.06
N HIS A 124 -16.20 27.84 -11.05
CA HIS A 124 -17.59 28.13 -11.37
C HIS A 124 -17.89 27.96 -12.87
N ASP A 125 -17.38 28.91 -13.68
CA ASP A 125 -17.64 29.08 -15.10
C ASP A 125 -16.42 29.15 -15.99
N ASP A 126 -15.24 29.36 -15.41
CA ASP A 126 -14.03 29.66 -16.14
C ASP A 126 -13.38 28.55 -16.97
N ILE A 127 -14.07 28.22 -18.08
CA ILE A 127 -13.62 27.23 -19.04
C ILE A 127 -12.36 27.72 -19.82
N HIS A 128 -12.24 29.06 -20.02
CA HIS A 128 -11.10 29.67 -20.69
CA HIS A 128 -11.09 29.68 -20.69
C HIS A 128 -9.83 29.37 -19.87
N HIS A 129 -9.90 29.48 -18.53
CA HIS A 129 -8.78 29.19 -17.65
C HIS A 129 -8.46 27.69 -17.64
N VAL A 130 -9.48 26.82 -17.73
CA VAL A 130 -9.27 25.36 -17.78
C VAL A 130 -8.50 25.00 -19.06
N ARG A 131 -8.94 25.56 -20.20
CA ARG A 131 -8.31 25.33 -21.50
C ARG A 131 -6.88 25.86 -21.56
N LYS A 132 -6.66 27.13 -21.13
CA LYS A 132 -5.35 27.78 -21.09
C LYS A 132 -4.36 27.02 -20.19
N SER A 133 -4.84 26.54 -19.02
CA SER A 133 -4.04 25.72 -18.11
C SER A 133 -3.60 24.44 -18.81
N MET A 134 -4.53 23.78 -19.53
CA MET A 134 -4.18 22.57 -20.26
C MET A 134 -3.18 22.85 -21.38
N GLU A 135 -3.39 23.94 -22.13
CA GLU A 135 -2.52 24.37 -23.23
C GLU A 135 -1.08 24.70 -22.78
N VAL A 136 -0.95 25.60 -21.80
CA VAL A 136 0.35 26.09 -21.28
C VAL A 136 1.04 25.07 -20.39
N ASN A 137 0.34 24.58 -19.36
CA ASN A 137 0.93 23.69 -18.36
C ASN A 137 1.16 22.26 -18.82
N PHE A 138 0.45 21.80 -19.88
CA PHE A 138 0.52 20.43 -20.34
C PHE A 138 0.89 20.27 -21.82
N LEU A 139 0.06 20.78 -22.74
CA LEU A 139 0.29 20.64 -24.17
C LEU A 139 1.63 21.20 -24.66
N SER A 140 2.07 22.37 -24.17
CA SER A 140 3.37 22.95 -24.55
C SER A 140 4.53 22.10 -24.08
N TYR A 141 4.36 21.35 -22.97
CA TYR A 141 5.37 20.42 -22.47
C TYR A 141 5.55 19.27 -23.45
N VAL A 142 4.43 18.77 -24.02
CA VAL A 142 4.40 17.70 -25.03
C VAL A 142 5.08 18.21 -26.31
N VAL A 143 4.69 19.42 -26.80
CA VAL A 143 5.28 20.05 -27.99
C VAL A 143 6.81 20.22 -27.80
N LEU A 144 7.23 20.69 -26.61
CA LEU A 144 8.65 20.89 -26.27
C LEU A 144 9.42 19.56 -26.29
N THR A 145 8.83 18.49 -25.74
CA THR A 145 9.38 17.13 -25.70
C THR A 145 9.57 16.58 -27.13
N VAL A 146 8.52 16.71 -27.99
CA VAL A 146 8.58 16.25 -29.39
C VAL A 146 9.73 16.95 -30.13
N ALA A 147 9.85 18.29 -29.96
CA ALA A 147 10.89 19.09 -30.59
C ALA A 147 12.29 18.75 -30.08
N ALA A 148 12.42 18.42 -28.77
CA ALA A 148 13.70 18.11 -28.11
C ALA A 148 14.19 16.67 -28.26
N LEU A 149 13.27 15.70 -28.46
CA LEU A 149 13.61 14.27 -28.52
C LEU A 149 14.76 13.84 -29.44
N PRO A 150 14.83 14.24 -30.75
CA PRO A 150 15.97 13.82 -31.58
C PRO A 150 17.35 14.16 -30.96
N MET A 151 17.48 15.38 -30.39
CA MET A 151 18.72 15.78 -29.70
C MET A 151 18.95 15.01 -28.41
N LEU A 152 17.88 14.79 -27.62
CA LEU A 152 17.97 14.02 -26.36
C LEU A 152 18.31 12.56 -26.58
N LYS A 153 17.85 11.94 -27.70
CA LYS A 153 18.18 10.56 -28.07
C LYS A 153 19.67 10.45 -28.41
N GLN A 154 20.21 11.46 -29.13
CA GLN A 154 21.61 11.57 -29.52
C GLN A 154 22.56 11.64 -28.29
N SER A 155 22.14 12.33 -27.23
CA SER A 155 22.94 12.51 -26.02
C SER A 155 22.56 11.55 -24.88
N ASN A 156 21.51 10.72 -25.07
CA ASN A 156 20.96 9.86 -24.01
C ASN A 156 20.59 10.76 -22.82
N GLY A 157 19.95 11.87 -23.17
CA GLY A 157 19.58 12.96 -22.28
C GLY A 157 18.44 12.70 -21.33
N SER A 158 17.91 13.80 -20.78
CA SER A 158 16.88 13.79 -19.75
C SER A 158 15.79 14.82 -19.93
N ILE A 159 14.56 14.45 -19.57
CA ILE A 159 13.39 15.33 -19.54
C ILE A 159 13.03 15.49 -18.06
N VAL A 160 12.92 16.73 -17.59
CA VAL A 160 12.56 17.03 -16.22
C VAL A 160 11.26 17.79 -16.26
N VAL A 161 10.22 17.23 -15.62
CA VAL A 161 8.85 17.76 -15.59
C VAL A 161 8.52 18.24 -14.20
N VAL A 162 8.29 19.55 -14.06
CA VAL A 162 7.98 20.14 -12.77
C VAL A 162 6.46 20.08 -12.51
N SER A 163 6.09 19.31 -11.50
CA SER A 163 4.70 19.12 -11.11
C SER A 163 4.49 19.56 -9.66
N SER A 164 3.46 19.03 -9.01
CA SER A 164 3.07 19.44 -7.67
C SER A 164 2.48 18.27 -6.90
N LEU A 165 2.30 18.42 -5.57
CA LEU A 165 1.55 17.48 -4.75
C LEU A 165 0.12 17.47 -5.31
N ALA A 166 -0.36 18.65 -5.83
CA ALA A 166 -1.66 18.83 -6.49
C ALA A 166 -1.76 18.09 -7.83
N GLY A 167 -0.67 17.44 -8.23
CA GLY A 167 -0.59 16.61 -9.43
C GLY A 167 -0.57 15.14 -9.06
N LYS A 168 -0.77 14.83 -7.76
CA LYS A 168 -0.78 13.48 -7.20
C LYS A 168 -1.98 13.25 -6.30
N VAL A 169 -2.38 14.27 -5.55
CA VAL A 169 -3.53 14.23 -4.64
C VAL A 169 -4.41 15.46 -4.94
N ALA A 170 -5.67 15.44 -4.49
CA ALA A 170 -6.62 16.53 -4.73
C ALA A 170 -6.61 17.65 -3.72
N TYR A 171 -6.79 18.88 -4.24
CA TYR A 171 -6.87 20.11 -3.44
C TYR A 171 -8.00 20.95 -4.00
N PRO A 172 -8.78 21.65 -3.15
CA PRO A 172 -9.77 22.58 -3.68
C PRO A 172 -9.04 23.86 -4.14
N MET A 173 -9.72 24.75 -4.91
CA MET A 173 -9.20 26.07 -5.34
C MET A 173 -8.19 26.08 -6.50
N VAL A 174 -7.77 24.88 -6.96
CA VAL A 174 -6.78 24.70 -8.04
C VAL A 174 -7.23 23.60 -9.02
N ALA A 175 -8.55 23.51 -9.31
CA ALA A 175 -9.09 22.47 -10.20
C ALA A 175 -8.44 22.39 -11.58
N ALA A 176 -8.37 23.52 -12.32
CA ALA A 176 -7.78 23.60 -13.66
C ALA A 176 -6.29 23.27 -13.62
N TYR A 177 -5.58 23.88 -12.66
CA TYR A 177 -4.15 23.70 -12.44
C TYR A 177 -3.84 22.22 -12.14
N SER A 178 -4.58 21.64 -11.20
CA SER A 178 -4.45 20.26 -10.75
C SER A 178 -4.67 19.27 -11.89
N ALA A 179 -5.71 19.51 -12.73
CA ALA A 179 -6.03 18.72 -13.91
C ALA A 179 -4.82 18.68 -14.85
N SER A 180 -4.20 19.85 -15.11
CA SER A 180 -3.02 19.96 -15.97
C SER A 180 -1.81 19.19 -15.40
N LYS A 181 -1.65 19.19 -14.06
CA LYS A 181 -0.55 18.49 -13.39
C LYS A 181 -0.73 16.99 -13.37
N PHE A 182 -2.00 16.54 -13.17
CA PHE A 182 -2.39 15.13 -13.25
C PHE A 182 -2.14 14.62 -14.68
N ALA A 183 -2.51 15.43 -15.70
CA ALA A 183 -2.29 15.12 -17.14
C ALA A 183 -0.80 14.83 -17.45
N LEU A 184 0.12 15.61 -16.85
CA LEU A 184 1.56 15.44 -17.02
C LEU A 184 2.02 14.07 -16.52
N ASP A 185 1.47 13.61 -15.38
CA ASP A 185 1.79 12.29 -14.81
C ASP A 185 1.34 11.20 -15.77
N GLY A 186 0.07 11.24 -16.19
CA GLY A 186 -0.47 10.27 -17.13
C GLY A 186 0.30 10.21 -18.43
N PHE A 187 0.60 11.38 -19.02
CA PHE A 187 1.32 11.44 -20.30
C PHE A 187 2.77 10.98 -20.19
N PHE A 188 3.56 11.61 -19.31
CA PHE A 188 4.97 11.30 -19.17
C PHE A 188 5.28 9.93 -18.60
N SER A 189 4.40 9.40 -17.73
CA SER A 189 4.60 8.06 -17.16
C SER A 189 4.32 6.98 -18.21
N SER A 190 3.41 7.29 -19.16
CA SER A 190 3.08 6.39 -20.27
C SER A 190 4.25 6.30 -21.24
N ILE A 191 4.78 7.46 -21.68
CA ILE A 191 5.92 7.52 -22.60
C ILE A 191 7.20 6.96 -21.99
N ARG A 192 7.35 7.02 -20.65
CA ARG A 192 8.51 6.43 -19.96
C ARG A 192 8.53 4.91 -20.20
N LYS A 193 7.36 4.26 -20.13
CA LYS A 193 7.20 2.81 -20.38
C LYS A 193 7.47 2.50 -21.86
N GLU A 194 7.03 3.40 -22.76
CA GLU A 194 7.24 3.29 -24.20
C GLU A 194 8.72 3.37 -24.54
N TYR A 195 9.44 4.34 -23.93
CA TYR A 195 10.87 4.55 -24.16
C TYR A 195 11.68 3.33 -23.74
N SER A 196 11.27 2.71 -22.62
CA SER A 196 11.88 1.53 -22.04
C SER A 196 11.92 0.35 -23.03
N VAL A 197 10.80 0.12 -23.75
CA VAL A 197 10.70 -0.98 -24.72
C VAL A 197 11.26 -0.64 -26.10
N SER A 198 11.31 0.65 -26.43
CA SER A 198 11.80 1.18 -27.71
C SER A 198 13.31 1.46 -27.66
N ARG A 199 13.95 1.22 -26.49
CA ARG A 199 15.38 1.49 -26.25
C ARG A 199 15.71 2.98 -26.48
N VAL A 200 14.80 3.88 -26.06
CA VAL A 200 14.98 5.33 -26.14
C VAL A 200 15.58 5.67 -24.78
N ASN A 201 16.90 5.86 -24.73
CA ASN A 201 17.63 6.12 -23.48
C ASN A 201 17.50 7.57 -23.02
N VAL A 202 16.26 8.03 -22.84
CA VAL A 202 15.93 9.39 -22.39
C VAL A 202 15.16 9.23 -21.09
N SER A 203 15.74 9.70 -19.98
CA SER A 203 15.08 9.61 -18.67
C SER A 203 14.00 10.70 -18.54
N ILE A 204 12.98 10.43 -17.73
CA ILE A 204 11.86 11.32 -17.46
C ILE A 204 11.69 11.41 -15.94
N THR A 205 11.92 12.62 -15.40
CA THR A 205 11.83 12.91 -13.96
C THR A 205 10.63 13.80 -13.70
N LEU A 206 9.63 13.28 -12.98
CA LEU A 206 8.43 14.02 -12.57
C LEU A 206 8.69 14.53 -11.14
N CYS A 207 8.71 15.87 -10.97
CA CYS A 207 9.00 16.48 -9.67
C CYS A 207 7.74 16.88 -8.96
N VAL A 208 7.51 16.30 -7.80
CA VAL A 208 6.30 16.49 -6.99
C VAL A 208 6.65 17.43 -5.85
N LEU A 209 6.31 18.70 -6.06
CA LEU A 209 6.65 19.76 -5.10
C LEU A 209 5.50 20.20 -4.23
N GLY A 210 5.81 20.45 -2.96
CA GLY A 210 4.90 21.05 -2.01
C GLY A 210 5.04 22.56 -2.09
N LEU A 211 4.56 23.30 -1.05
CA LEU A 211 4.63 24.76 -1.03
C LEU A 211 6.08 25.25 -1.02
N ILE A 212 6.43 26.11 -1.98
CA ILE A 212 7.76 26.72 -2.18
C ILE A 212 7.64 28.23 -2.04
N ASP A 213 8.59 28.87 -1.32
CA ASP A 213 8.57 30.31 -1.03
C ASP A 213 8.79 31.29 -2.20
N THR A 214 8.27 30.97 -3.40
CA THR A 214 8.41 31.91 -4.51
C THR A 214 7.46 33.08 -4.28
N GLU A 215 7.87 34.29 -4.70
CA GLU A 215 7.11 35.54 -4.57
C GLU A 215 5.67 35.35 -5.04
N THR A 216 5.49 34.82 -6.26
CA THR A 216 4.21 34.57 -6.92
C THR A 216 3.31 33.58 -6.15
N ALA A 217 3.88 32.43 -5.70
CA ALA A 217 3.15 31.42 -4.94
C ALA A 217 2.73 31.93 -3.59
N MET A 218 3.62 32.69 -2.91
CA MET A 218 3.36 33.28 -1.60
C MET A 218 2.22 34.27 -1.63
N LYS A 219 2.16 35.12 -2.68
CA LYS A 219 1.08 36.09 -2.86
C LYS A 219 -0.24 35.38 -3.15
N ALA A 220 -0.21 34.35 -4.03
CA ALA A 220 -1.41 33.58 -4.40
C ALA A 220 -2.07 32.86 -3.20
N VAL A 221 -1.26 32.40 -2.23
CA VAL A 221 -1.72 31.65 -1.05
C VAL A 221 -1.96 32.47 0.21
N SER A 222 -1.55 33.77 0.20
CA SER A 222 -1.67 34.72 1.31
C SER A 222 -3.08 34.76 1.93
N GLY A 223 -3.16 34.40 3.21
CA GLY A 223 -4.41 34.35 3.98
C GLY A 223 -5.26 33.12 3.71
N ILE A 224 -4.83 32.24 2.79
CA ILE A 224 -5.57 31.04 2.40
C ILE A 224 -4.82 29.79 2.90
N VAL A 225 -3.59 29.61 2.48
CA VAL A 225 -2.76 28.46 2.87
C VAL A 225 -1.74 29.01 3.89
N HIS A 226 -1.57 28.29 5.02
CA HIS A 226 -0.72 28.76 6.10
C HIS A 226 0.45 27.85 6.46
N MET A 227 0.52 26.68 5.81
CA MET A 227 1.60 25.72 6.00
C MET A 227 2.99 26.31 5.67
N GLN A 228 4.03 25.66 6.18
CA GLN A 228 5.44 26.04 6.03
C GLN A 228 5.88 25.94 4.55
N ALA A 229 6.49 27.01 4.02
CA ALA A 229 6.97 27.08 2.62
C ALA A 229 8.43 26.66 2.60
N ALA A 230 8.78 25.75 1.69
CA ALA A 230 10.15 25.27 1.54
C ALA A 230 10.98 26.29 0.71
N PRO A 231 12.32 26.35 0.89
CA PRO A 231 13.10 27.34 0.13
C PRO A 231 13.31 26.99 -1.35
N LYS A 232 13.06 27.98 -2.22
CA LYS A 232 13.17 27.89 -3.68
C LYS A 232 14.55 27.50 -4.20
N GLU A 233 15.62 27.88 -3.47
CA GLU A 233 17.01 27.61 -3.81
C GLU A 233 17.27 26.11 -3.72
N GLU A 234 16.87 25.49 -2.59
CA GLU A 234 17.02 24.05 -2.32
C GLU A 234 16.11 23.24 -3.24
N CYS A 235 14.89 23.72 -3.46
CA CYS A 235 13.91 23.10 -4.36
C CYS A 235 14.51 22.94 -5.75
N ALA A 236 15.06 24.04 -6.30
CA ALA A 236 15.69 24.10 -7.61
C ALA A 236 16.81 23.07 -7.74
N LEU A 237 17.64 22.92 -6.68
CA LEU A 237 18.74 21.97 -6.64
C LEU A 237 18.23 20.51 -6.65
N GLU A 238 17.21 20.22 -5.84
CA GLU A 238 16.61 18.88 -5.75
C GLU A 238 16.03 18.41 -7.08
N ILE A 239 15.48 19.34 -7.88
CA ILE A 239 14.95 19.05 -9.21
C ILE A 239 16.10 18.66 -10.15
N ILE A 240 17.17 19.48 -10.19
CA ILE A 240 18.37 19.25 -11.00
C ILE A 240 19.01 17.91 -10.61
N LYS A 241 19.15 17.65 -9.30
CA LYS A 241 19.70 16.40 -8.77
C LYS A 241 18.95 15.19 -9.31
N GLY A 242 17.61 15.24 -9.25
CA GLY A 242 16.73 14.18 -9.73
C GLY A 242 16.93 13.88 -11.20
N GLY A 243 17.01 14.94 -12.00
CA GLY A 243 17.25 14.83 -13.43
C GLY A 243 18.60 14.21 -13.73
N ALA A 244 19.66 14.71 -13.06
CA ALA A 244 21.04 14.24 -13.20
C ALA A 244 21.14 12.76 -12.82
N LEU A 245 20.44 12.33 -11.75
CA LEU A 245 20.42 10.94 -11.27
C LEU A 245 19.45 10.04 -12.03
N ARG A 246 18.70 10.61 -13.01
CA ARG A 246 17.74 9.91 -13.86
C ARG A 246 16.65 9.23 -13.01
N GLN A 247 16.28 9.88 -11.90
CA GLN A 247 15.22 9.40 -11.01
C GLN A 247 13.89 9.60 -11.72
N GLU A 248 12.98 8.66 -11.56
CA GLU A 248 11.66 8.72 -12.17
C GLU A 248 10.82 9.79 -11.51
N GLU A 249 10.91 9.90 -10.18
CA GLU A 249 10.15 10.89 -9.42
C GLU A 249 10.98 11.55 -8.31
N VAL A 250 10.76 12.84 -8.09
CA VAL A 250 11.37 13.64 -7.02
C VAL A 250 10.19 14.10 -6.16
N TYR A 251 10.36 14.01 -4.86
CA TYR A 251 9.37 14.44 -3.88
C TYR A 251 10.04 15.48 -3.00
N TYR A 252 9.53 16.71 -3.00
CA TYR A 252 10.10 17.79 -2.22
C TYR A 252 9.03 18.62 -1.52
N ASP A 253 9.02 18.54 -0.19
CA ASP A 253 8.05 19.23 0.68
C ASP A 253 8.62 19.44 2.09
N SER A 254 8.13 20.48 2.80
CA SER A 254 8.50 20.82 4.17
C SER A 254 8.09 19.75 5.18
N SER A 255 6.89 19.15 5.02
CA SER A 255 6.35 18.15 5.93
C SER A 255 6.86 16.73 5.77
N ARG A 256 7.11 16.09 6.92
CA ARG A 256 7.57 14.70 7.03
C ARG A 256 6.40 13.71 6.79
N TRP A 257 5.15 14.14 7.04
CA TRP A 257 3.97 13.30 6.80
C TRP A 257 3.67 13.21 5.31
N THR A 258 4.06 14.25 4.56
CA THR A 258 3.94 14.29 3.11
C THR A 258 4.91 13.29 2.57
N THR A 259 6.19 13.39 2.98
CA THR A 259 7.25 12.47 2.53
C THR A 259 6.92 10.99 2.80
N LEU A 260 6.24 10.72 3.93
CA LEU A 260 5.82 9.39 4.34
C LEU A 260 4.63 8.88 3.49
N LEU A 261 3.71 9.79 3.12
CA LEU A 261 2.49 9.40 2.42
C LEU A 261 2.35 9.54 0.90
N ILE A 262 3.08 10.49 0.21
CA ILE A 262 2.91 10.73 -1.24
C ILE A 262 3.17 9.58 -2.15
N ARG A 263 4.12 8.75 -1.76
CA ARG A 263 4.51 7.61 -2.57
C ARG A 263 3.37 6.61 -2.69
N ASN A 264 3.20 6.05 -3.89
CA ASN A 264 2.20 5.05 -4.19
C ASN A 264 2.90 3.74 -4.59
N PRO A 265 3.33 2.91 -3.60
CA PRO A 265 3.99 1.62 -3.95
C PRO A 265 3.07 0.65 -4.68
N CYS A 266 1.74 0.73 -4.40
CA CYS A 266 0.74 -0.11 -5.05
C CYS A 266 0.60 0.14 -6.53
N ARG A 267 0.77 1.41 -6.96
CA ARG A 267 0.72 1.79 -8.37
C ARG A 267 1.85 1.08 -9.13
N LYS A 268 3.08 1.13 -8.58
CA LYS A 268 4.29 0.51 -9.15
C LYS A 268 4.12 -1.03 -9.26
N ILE A 269 3.59 -1.67 -8.20
CA ILE A 269 3.30 -3.11 -8.18
C ILE A 269 2.27 -3.44 -9.28
N LEU A 270 1.13 -2.71 -9.34
CA LEU A 270 0.11 -2.92 -10.38
C LEU A 270 0.67 -2.81 -11.80
N GLU A 271 1.45 -1.77 -12.08
CA GLU A 271 2.07 -1.54 -13.38
C GLU A 271 2.93 -2.73 -13.83
N GLU A 272 3.72 -3.30 -12.89
CA GLU A 272 4.58 -4.47 -13.10
C GLU A 272 3.71 -5.71 -13.37
N LEU A 273 2.60 -5.90 -12.63
CA LEU A 273 1.69 -7.04 -12.85
C LEU A 273 1.01 -7.01 -14.24
N TYR A 274 0.70 -5.80 -14.76
CA TYR A 274 0.09 -5.64 -16.09
C TYR A 274 1.12 -5.70 -17.22
N SER A 275 2.41 -5.43 -16.92
CA SER A 275 3.51 -5.40 -17.91
C SER A 275 3.71 -6.72 -18.67
N THR A 276 3.23 -7.84 -18.08
CA THR A 276 3.31 -9.17 -18.66
C THR A 276 2.07 -9.49 -19.52
N SER A 277 1.01 -8.67 -19.41
CA SER A 277 -0.24 -8.86 -20.13
C SER A 277 -0.30 -8.24 -21.55
N TYR A 278 0.79 -7.57 -22.01
CA TYR A 278 0.84 -6.96 -23.34
C TYR A 278 2.15 -7.20 -24.10
N ASN A 279 2.07 -7.17 -25.45
CA ASN A 279 3.18 -7.39 -26.39
C ASN A 279 3.33 -6.20 -27.36
N MET A 280 4.43 -5.44 -27.22
CA MET A 280 4.69 -4.25 -28.04
C MET A 280 5.59 -4.43 -29.28
N ASP A 281 6.14 -5.63 -29.48
CA ASP A 281 7.01 -5.88 -30.63
C ASP A 281 6.21 -6.06 -31.93
N ARG A 282 5.83 -4.91 -32.51
CA ARG A 282 5.09 -4.64 -33.75
C ARG A 282 5.21 -3.12 -33.99
N PHE A 283 5.50 -2.38 -32.90
CA PHE A 283 5.74 -0.94 -32.88
C PHE A 283 7.25 -0.68 -32.86
N ILE A 284 8.02 -1.70 -32.44
CA ILE A 284 9.48 -1.67 -32.37
C ILE A 284 10.05 -3.03 -32.80
N ASN A 285 10.97 -3.04 -33.78
CA ASN A 285 11.67 -4.21 -34.32
C ASN A 285 12.77 -3.80 -35.29
N MET B 4 -52.60 9.64 -9.75
CA MET B 4 -51.96 8.99 -8.61
C MET B 4 -50.64 9.66 -8.15
N ALA B 5 -49.75 10.07 -9.10
CA ALA B 5 -48.47 10.73 -8.81
C ALA B 5 -48.63 11.99 -7.92
N SER B 6 -49.72 12.77 -8.13
CA SER B 6 -50.04 13.99 -7.35
C SER B 6 -50.45 13.64 -5.89
N MET B 7 -50.88 12.39 -5.68
CA MET B 7 -51.33 11.86 -4.39
C MET B 7 -50.26 10.96 -3.76
N THR B 8 -49.09 10.86 -4.42
CA THR B 8 -47.93 10.05 -4.02
C THR B 8 -46.76 10.95 -3.60
N GLY B 9 -46.00 10.50 -2.60
CA GLY B 9 -44.81 11.15 -2.10
C GLY B 9 -43.98 10.25 -1.21
N GLY B 10 -42.71 10.61 -1.04
CA GLY B 10 -41.80 9.88 -0.17
C GLY B 10 -40.38 9.84 -0.68
N GLN B 11 -39.56 8.97 -0.07
CA GLN B 11 -38.15 8.84 -0.42
C GLN B 11 -37.72 7.40 -0.49
N GLN B 12 -36.92 7.08 -1.50
CA GLN B 12 -36.34 5.76 -1.71
C GLN B 12 -35.09 5.63 -0.85
N MET B 13 -34.38 6.75 -0.63
CA MET B 13 -33.09 6.81 0.07
C MET B 13 -33.14 6.87 1.60
N GLY B 14 -33.55 5.77 2.22
CA GLY B 14 -33.62 5.66 3.68
C GLY B 14 -32.41 4.93 4.24
N ARG B 15 -32.62 4.15 5.33
CA ARG B 15 -31.58 3.38 6.02
C ARG B 15 -31.04 2.26 5.16
N GLY B 16 -29.72 2.24 4.98
CA GLY B 16 -29.00 1.26 4.18
C GLY B 16 -28.92 1.60 2.69
N SER B 17 -29.25 2.85 2.32
CA SER B 17 -29.21 3.30 0.93
C SER B 17 -27.85 3.91 0.53
N ASN B 18 -26.85 3.83 1.44
CA ASN B 18 -25.50 4.37 1.26
C ASN B 18 -24.38 3.50 0.61
N GLU B 19 -24.21 2.14 0.72
CA GLU B 19 -24.78 0.95 1.37
C GLU B 19 -25.33 -0.12 0.38
N GLU B 20 -26.66 -0.30 0.24
CA GLU B 20 -27.18 -1.30 -0.69
C GLU B 20 -28.09 -0.76 -1.78
N PHE B 21 -27.69 -1.00 -3.04
CA PHE B 21 -28.42 -0.56 -4.23
C PHE B 21 -29.72 -1.33 -4.48
N ARG B 22 -30.73 -0.62 -5.00
CA ARG B 22 -32.00 -1.17 -5.46
C ARG B 22 -32.28 -0.49 -6.79
N PRO B 23 -32.78 -1.22 -7.81
CA PRO B 23 -33.11 -0.56 -9.09
C PRO B 23 -34.14 0.57 -8.99
N GLU B 24 -34.98 0.56 -7.93
CA GLU B 24 -36.03 1.55 -7.67
C GLU B 24 -35.48 2.94 -7.37
N MET B 25 -34.18 3.02 -7.00
CA MET B 25 -33.48 4.29 -6.74
C MET B 25 -33.42 5.18 -8.01
N LEU B 26 -33.48 4.56 -9.20
CA LEU B 26 -33.46 5.26 -10.49
C LEU B 26 -34.84 5.48 -11.12
N GLN B 27 -35.91 4.88 -10.52
CA GLN B 27 -37.29 5.00 -11.01
C GLN B 27 -37.71 6.48 -11.03
N GLY B 28 -38.03 6.98 -12.23
CA GLY B 28 -38.44 8.37 -12.43
C GLY B 28 -37.32 9.40 -12.40
N LYS B 29 -36.06 8.94 -12.30
CA LYS B 29 -34.91 9.86 -12.29
C LYS B 29 -34.62 10.35 -13.70
N LYS B 30 -34.16 11.60 -13.80
CA LYS B 30 -33.84 12.26 -15.06
C LYS B 30 -32.33 12.15 -15.29
N VAL B 31 -31.96 11.31 -16.26
CA VAL B 31 -30.57 10.96 -16.53
C VAL B 31 -30.10 11.26 -17.95
N ILE B 32 -28.91 11.88 -18.05
CA ILE B 32 -28.19 12.10 -19.30
C ILE B 32 -27.11 11.02 -19.38
N VAL B 33 -26.95 10.38 -20.56
CA VAL B 33 -25.88 9.40 -20.82
C VAL B 33 -25.19 9.88 -22.09
N THR B 34 -23.89 10.20 -22.02
CA THR B 34 -23.14 10.61 -23.20
C THR B 34 -22.47 9.36 -23.74
N GLY B 35 -22.06 9.38 -25.01
CA GLY B 35 -21.45 8.24 -25.68
C GLY B 35 -22.30 6.99 -25.52
N ALA B 36 -23.63 7.15 -25.70
CA ALA B 36 -24.62 6.13 -25.47
C ALA B 36 -25.14 5.41 -26.72
N SER B 37 -24.49 5.59 -27.88
CA SER B 37 -24.90 4.89 -29.10
C SER B 37 -24.37 3.45 -29.13
N LYS B 38 -23.28 3.20 -28.39
CA LYS B 38 -22.65 1.88 -28.30
C LYS B 38 -21.92 1.66 -26.98
N GLY B 39 -21.38 0.44 -26.83
CA GLY B 39 -20.55 0.00 -25.71
C GLY B 39 -21.19 0.14 -24.33
N ILE B 40 -20.40 0.63 -23.38
CA ILE B 40 -20.81 0.80 -21.99
C ILE B 40 -21.98 1.79 -21.88
N GLY B 41 -21.88 2.91 -22.59
CA GLY B 41 -22.91 3.96 -22.64
C GLY B 41 -24.29 3.43 -23.01
N ARG B 42 -24.35 2.61 -24.10
CA ARG B 42 -25.59 1.96 -24.55
C ARG B 42 -26.14 1.02 -23.46
N GLU B 43 -25.25 0.22 -22.84
CA GLU B 43 -25.63 -0.70 -21.76
C GLU B 43 -26.23 0.06 -20.57
N MET B 44 -25.66 1.23 -20.23
CA MET B 44 -26.15 2.09 -19.14
C MET B 44 -27.55 2.61 -19.45
N ALA B 45 -27.78 3.08 -20.69
CA ALA B 45 -29.09 3.55 -21.15
C ALA B 45 -30.14 2.45 -20.98
N TYR B 46 -29.80 1.19 -21.33
CA TYR B 46 -30.66 0.01 -21.23
C TYR B 46 -30.99 -0.34 -19.79
N HIS B 47 -29.97 -0.32 -18.89
CA HIS B 47 -30.21 -0.58 -17.48
C HIS B 47 -31.15 0.48 -16.89
N LEU B 48 -30.93 1.77 -17.23
CA LEU B 48 -31.75 2.90 -16.76
C LEU B 48 -33.19 2.81 -17.25
N ALA B 49 -33.37 2.35 -18.50
CA ALA B 49 -34.66 2.12 -19.12
C ALA B 49 -35.45 1.05 -18.32
N LYS B 50 -34.80 -0.11 -18.03
CA LYS B 50 -35.36 -1.21 -17.23
C LYS B 50 -35.77 -0.73 -15.83
N MET B 51 -35.03 0.26 -15.28
CA MET B 51 -35.28 0.85 -13.96
C MET B 51 -36.41 1.88 -13.93
N GLY B 52 -36.92 2.26 -15.10
CA GLY B 52 -38.00 3.23 -15.20
C GLY B 52 -37.54 4.68 -15.09
N ALA B 53 -36.28 4.95 -15.52
CA ALA B 53 -35.74 6.32 -15.52
C ALA B 53 -36.16 7.05 -16.79
N HIS B 54 -36.08 8.40 -16.74
CA HIS B 54 -36.24 9.28 -17.89
C HIS B 54 -34.81 9.37 -18.42
N VAL B 55 -34.65 9.20 -19.73
CA VAL B 55 -33.34 9.12 -20.34
C VAL B 55 -33.19 10.04 -21.54
N VAL B 56 -32.02 10.72 -21.64
CA VAL B 56 -31.61 11.52 -22.79
C VAL B 56 -30.22 11.03 -23.15
N VAL B 57 -30.10 10.43 -24.33
CA VAL B 57 -28.85 9.85 -24.80
C VAL B 57 -28.21 10.70 -25.89
N THR B 58 -26.88 10.69 -25.95
CA THR B 58 -26.16 11.45 -26.95
C THR B 58 -24.94 10.70 -27.46
N ALA B 59 -24.54 11.03 -28.69
CA ALA B 59 -23.40 10.55 -29.47
C ALA B 59 -23.53 11.26 -30.83
N ARG B 60 -22.65 11.00 -31.78
CA ARG B 60 -22.74 11.67 -33.07
C ARG B 60 -23.77 11.03 -34.02
N SER B 61 -23.92 9.68 -33.98
CA SER B 61 -24.79 8.94 -34.89
C SER B 61 -26.26 8.91 -34.53
N LYS B 62 -27.07 9.71 -35.25
CA LYS B 62 -28.51 9.81 -35.02
C LYS B 62 -29.24 8.48 -35.24
N GLU B 63 -28.82 7.69 -36.26
CA GLU B 63 -29.41 6.40 -36.63
C GLU B 63 -29.25 5.35 -35.53
N THR B 64 -28.04 5.26 -34.94
CA THR B 64 -27.77 4.34 -33.85
C THR B 64 -28.47 4.81 -32.56
N LEU B 65 -28.47 6.13 -32.29
CA LEU B 65 -29.16 6.70 -31.12
C LEU B 65 -30.68 6.43 -31.18
N GLN B 66 -31.29 6.50 -32.39
CA GLN B 66 -32.72 6.21 -32.64
C GLN B 66 -33.07 4.81 -32.15
N LYS B 67 -32.20 3.81 -32.46
CA LYS B 67 -32.36 2.39 -32.09
C LYS B 67 -32.26 2.17 -30.58
N VAL B 68 -31.32 2.88 -29.92
CA VAL B 68 -31.12 2.83 -28.46
C VAL B 68 -32.38 3.38 -27.78
N VAL B 69 -32.87 4.55 -28.27
CA VAL B 69 -34.09 5.19 -27.76
C VAL B 69 -35.29 4.25 -27.88
N SER B 70 -35.52 3.68 -29.09
CA SER B 70 -36.61 2.73 -29.37
C SER B 70 -36.56 1.54 -28.42
N HIS B 71 -35.34 0.96 -28.24
CA HIS B 71 -35.16 -0.15 -27.31
C HIS B 71 -35.35 0.25 -25.85
N CYS B 72 -34.94 1.49 -25.46
CA CYS B 72 -35.13 2.03 -24.10
C CYS B 72 -36.62 2.08 -23.75
N LEU B 73 -37.44 2.54 -24.72
CA LEU B 73 -38.89 2.61 -24.56
C LEU B 73 -39.49 1.20 -24.39
N GLU B 74 -39.02 0.20 -25.17
CA GLU B 74 -39.45 -1.21 -25.05
C GLU B 74 -39.11 -1.76 -23.66
N LEU B 75 -37.92 -1.38 -23.12
CA LEU B 75 -37.46 -1.84 -21.82
C LEU B 75 -38.20 -1.27 -20.63
N GLY B 76 -38.95 -0.20 -20.84
CA GLY B 76 -39.75 0.42 -19.79
C GLY B 76 -39.25 1.75 -19.27
N ALA B 77 -38.57 2.55 -20.12
CA ALA B 77 -38.10 3.86 -19.72
C ALA B 77 -39.30 4.79 -19.60
N ALA B 78 -39.36 5.63 -18.54
CA ALA B 78 -40.42 6.61 -18.31
C ALA B 78 -40.55 7.55 -19.52
N SER B 79 -39.41 7.86 -20.15
CA SER B 79 -39.27 8.63 -21.39
C SER B 79 -37.87 8.37 -21.93
N ALA B 80 -37.71 8.47 -23.26
CA ALA B 80 -36.43 8.27 -23.93
C ALA B 80 -36.31 9.19 -25.12
N HIS B 81 -35.20 9.94 -25.19
CA HIS B 81 -34.92 10.88 -26.29
C HIS B 81 -33.43 10.89 -26.59
N TYR B 82 -33.09 11.37 -27.77
CA TYR B 82 -31.71 11.52 -28.19
C TYR B 82 -31.50 12.90 -28.79
N ILE B 83 -30.27 13.41 -28.69
CA ILE B 83 -29.82 14.65 -29.32
C ILE B 83 -28.45 14.28 -29.90
N ALA B 84 -28.31 14.25 -31.21
CA ALA B 84 -27.05 13.90 -31.87
C ALA B 84 -26.13 15.11 -32.08
N GLY B 85 -24.85 14.91 -31.82
CA GLY B 85 -23.83 15.94 -32.00
C GLY B 85 -22.46 15.49 -31.56
N THR B 86 -21.45 16.29 -31.93
CA THR B 86 -20.05 16.04 -31.57
C THR B 86 -19.62 16.79 -30.33
N MET B 87 -18.94 16.07 -29.43
CA MET B 87 -18.42 16.67 -28.19
C MET B 87 -17.10 17.44 -28.41
N GLU B 88 -16.66 17.56 -29.67
CA GLU B 88 -15.53 18.38 -30.10
C GLU B 88 -16.03 19.85 -30.07
N ASP B 89 -17.34 20.04 -30.22
CA ASP B 89 -18.02 21.33 -30.26
C ASP B 89 -18.56 21.65 -28.86
N MET B 90 -17.90 22.59 -28.19
CA MET B 90 -18.23 23.03 -26.83
C MET B 90 -19.57 23.75 -26.76
N THR B 91 -20.01 24.38 -27.88
CA THR B 91 -21.33 25.04 -27.99
C THR B 91 -22.41 23.95 -27.98
N PHE B 92 -22.22 22.86 -28.76
CA PHE B 92 -23.13 21.73 -28.76
C PHE B 92 -23.24 21.15 -27.35
N ALA B 93 -22.09 20.89 -26.67
CA ALA B 93 -22.04 20.32 -25.33
C ALA B 93 -22.89 21.15 -24.32
N GLU B 94 -22.73 22.48 -24.37
CA GLU B 94 -23.45 23.43 -23.52
C GLU B 94 -24.96 23.45 -23.83
N GLN B 95 -25.32 23.51 -25.12
CA GLN B 95 -26.71 23.56 -25.55
C GLN B 95 -27.40 22.25 -25.34
N PHE B 96 -26.69 21.12 -25.51
CA PHE B 96 -27.23 19.78 -25.30
C PHE B 96 -27.84 19.62 -23.89
N VAL B 97 -27.14 20.06 -22.85
CA VAL B 97 -27.61 19.95 -21.47
C VAL B 97 -28.93 20.72 -21.26
N ALA B 98 -29.02 21.97 -21.76
CA ALA B 98 -30.21 22.83 -21.66
C ALA B 98 -31.41 22.13 -22.30
N GLN B 99 -31.21 21.62 -23.54
CA GLN B 99 -32.21 20.89 -24.32
C GLN B 99 -32.64 19.61 -23.62
N ALA B 100 -31.67 18.82 -23.10
CA ALA B 100 -31.94 17.57 -22.36
C ALA B 100 -32.75 17.83 -21.08
N GLY B 101 -32.38 18.88 -20.36
CA GLY B 101 -33.05 19.29 -19.13
C GLY B 101 -34.48 19.73 -19.38
N LYS B 102 -34.72 20.41 -20.54
CA LYS B 102 -36.03 20.89 -20.97
C LYS B 102 -36.87 19.70 -21.44
N LEU B 103 -36.23 18.71 -22.09
CA LEU B 103 -36.88 17.48 -22.57
C LEU B 103 -37.43 16.62 -21.43
N MET B 104 -36.78 16.67 -20.23
CA MET B 104 -37.14 15.86 -19.06
C MET B 104 -37.77 16.67 -17.92
N GLY B 105 -37.63 17.99 -17.97
CA GLY B 105 -38.11 18.87 -16.92
C GLY B 105 -37.17 18.86 -15.73
N GLY B 106 -35.85 18.83 -16.00
CA GLY B 106 -34.82 18.80 -14.97
C GLY B 106 -33.74 17.73 -15.13
N LEU B 107 -32.88 17.56 -14.11
CA LEU B 107 -31.77 16.60 -14.19
C LEU B 107 -31.36 16.10 -12.82
N ASP B 108 -31.25 14.77 -12.70
CA ASP B 108 -30.83 14.09 -11.46
C ASP B 108 -29.43 13.50 -11.58
N MET B 109 -29.06 12.99 -12.76
CA MET B 109 -27.77 12.34 -12.96
C MET B 109 -27.19 12.63 -14.33
N LEU B 110 -25.92 13.06 -14.34
CA LEU B 110 -25.17 13.38 -15.55
C LEU B 110 -24.08 12.31 -15.70
N ILE B 111 -24.24 11.42 -16.69
CA ILE B 111 -23.27 10.36 -16.94
C ILE B 111 -22.37 10.74 -18.11
N LEU B 112 -21.11 11.06 -17.79
CA LEU B 112 -20.10 11.50 -18.75
C LEU B 112 -19.25 10.29 -19.10
N ASN B 113 -19.46 9.78 -20.33
CA ASN B 113 -18.89 8.52 -20.79
C ASN B 113 -18.17 8.55 -22.14
N HIS B 114 -18.55 9.45 -23.05
CA HIS B 114 -17.95 9.53 -24.39
C HIS B 114 -16.42 9.77 -24.38
N ILE B 115 -15.74 9.30 -25.44
CA ILE B 115 -14.31 9.52 -25.67
C ILE B 115 -14.08 9.74 -27.16
N THR B 116 -12.95 10.38 -27.52
CA THR B 116 -12.58 10.51 -28.92
C THR B 116 -12.01 9.15 -29.36
N ASN B 117 -12.08 8.84 -30.67
CA ASN B 117 -11.55 7.60 -31.24
C ASN B 117 -10.05 7.53 -30.98
N THR B 118 -9.60 6.40 -30.42
CA THR B 118 -8.19 6.21 -30.07
C THR B 118 -7.73 4.80 -30.35
N SER B 119 -6.50 4.66 -30.77
CA SER B 119 -5.93 3.34 -31.02
C SER B 119 -4.68 3.19 -30.15
N LEU B 120 -4.21 1.95 -29.95
CA LEU B 120 -3.01 1.72 -29.15
C LEU B 120 -1.83 1.93 -30.11
N ASN B 121 -0.97 2.90 -29.80
CA ASN B 121 0.22 3.23 -30.59
C ASN B 121 1.23 3.92 -29.71
N LEU B 122 2.51 3.83 -30.08
CA LEU B 122 3.58 4.52 -29.37
C LEU B 122 3.44 6.02 -29.66
N PHE B 123 3.77 6.87 -28.70
CA PHE B 123 3.68 8.30 -28.98
C PHE B 123 4.93 8.78 -29.71
N HIS B 124 4.75 9.54 -30.81
CA HIS B 124 5.86 10.13 -31.59
C HIS B 124 5.68 11.63 -31.77
N ASP B 125 4.75 12.02 -32.66
CA ASP B 125 4.55 13.43 -32.97
C ASP B 125 3.07 13.87 -33.11
N ASP B 126 2.12 12.97 -32.80
CA ASP B 126 0.71 13.30 -32.94
C ASP B 126 0.11 14.21 -31.86
N ILE B 127 0.48 15.50 -31.95
CA ILE B 127 0.00 16.55 -31.07
C ILE B 127 -1.48 16.85 -31.28
N HIS B 128 -1.98 16.64 -32.51
CA HIS B 128 -3.40 16.83 -32.83
C HIS B 128 -4.25 15.84 -32.07
N HIS B 129 -3.79 14.59 -31.94
CA HIS B 129 -4.49 13.57 -31.17
C HIS B 129 -4.42 13.88 -29.66
N VAL B 130 -3.29 14.44 -29.17
CA VAL B 130 -3.14 14.81 -27.75
C VAL B 130 -4.16 15.91 -27.42
N ARG B 131 -4.25 16.95 -28.28
CA ARG B 131 -5.17 18.07 -28.11
C ARG B 131 -6.63 17.62 -28.19
N LYS B 132 -7.00 16.84 -29.21
CA LYS B 132 -8.35 16.32 -29.42
C LYS B 132 -8.80 15.44 -28.24
N SER B 133 -7.88 14.58 -27.71
CA SER B 133 -8.13 13.76 -26.52
C SER B 133 -8.43 14.65 -25.34
N MET B 134 -7.65 15.71 -25.12
CA MET B 134 -7.90 16.64 -24.03
C MET B 134 -9.25 17.37 -24.19
N GLU B 135 -9.56 17.81 -25.41
CA GLU B 135 -10.80 18.53 -25.75
C GLU B 135 -12.05 17.67 -25.55
N VAL B 136 -12.09 16.49 -26.17
CA VAL B 136 -13.23 15.56 -26.12
C VAL B 136 -13.34 14.82 -24.78
N ASN B 137 -12.25 14.15 -24.32
CA ASN B 137 -12.32 13.34 -23.09
C ASN B 137 -12.33 14.12 -21.80
N PHE B 138 -11.87 15.38 -21.83
CA PHE B 138 -11.75 16.15 -20.60
C PHE B 138 -12.51 17.47 -20.61
N LEU B 139 -12.16 18.39 -21.52
CA LEU B 139 -12.76 19.72 -21.59
C LEU B 139 -14.27 19.74 -21.77
N SER B 140 -14.80 18.88 -22.68
CA SER B 140 -16.25 18.77 -22.90
C SER B 140 -16.97 18.29 -21.63
N TYR B 141 -16.32 17.44 -20.80
CA TYR B 141 -16.86 16.95 -19.51
C TYR B 141 -17.06 18.13 -18.57
N VAL B 142 -16.09 19.06 -18.54
CA VAL B 142 -16.11 20.29 -17.73
C VAL B 142 -17.26 21.20 -18.24
N VAL B 143 -17.34 21.42 -19.57
CA VAL B 143 -18.41 22.23 -20.20
C VAL B 143 -19.80 21.66 -19.85
N LEU B 144 -19.97 20.31 -19.99
CA LEU B 144 -21.22 19.61 -19.67
C LEU B 144 -21.60 19.77 -18.19
N THR B 145 -20.61 19.70 -17.27
CA THR B 145 -20.77 19.88 -15.81
C THR B 145 -21.25 21.31 -15.48
N VAL B 146 -20.60 22.34 -16.07
CA VAL B 146 -20.95 23.75 -15.87
C VAL B 146 -22.41 23.98 -16.30
N ALA B 147 -22.80 23.45 -17.47
CA ALA B 147 -24.14 23.59 -18.01
C ALA B 147 -25.20 22.85 -17.17
N ALA B 148 -24.83 21.68 -16.59
CA ALA B 148 -25.70 20.83 -15.79
C ALA B 148 -25.86 21.22 -14.32
N LEU B 149 -24.85 21.88 -13.74
CA LEU B 149 -24.83 22.23 -12.31
C LEU B 149 -26.07 22.92 -11.70
N PRO B 150 -26.62 24.02 -12.29
CA PRO B 150 -27.84 24.62 -11.71
C PRO B 150 -28.98 23.61 -11.50
N MET B 151 -29.25 22.73 -12.50
CA MET B 151 -30.27 21.68 -12.40
C MET B 151 -29.90 20.61 -11.37
N LEU B 152 -28.61 20.21 -11.33
CA LEU B 152 -28.13 19.22 -10.36
C LEU B 152 -28.16 19.72 -8.92
N LYS B 153 -27.94 21.03 -8.70
CA LYS B 153 -28.01 21.65 -7.35
C LYS B 153 -29.46 21.62 -6.85
N GLN B 154 -30.41 21.90 -7.77
CA GLN B 154 -31.85 21.92 -7.51
C GLN B 154 -32.36 20.54 -7.06
N SER B 155 -31.83 19.46 -7.67
CA SER B 155 -32.24 18.08 -7.39
C SER B 155 -31.32 17.34 -6.41
N ASN B 156 -30.21 17.99 -5.96
CA ASN B 156 -29.18 17.36 -5.12
C ASN B 156 -28.69 16.11 -5.86
N GLY B 157 -28.47 16.30 -7.16
CA GLY B 157 -28.11 15.27 -8.12
C GLY B 157 -26.71 14.73 -8.07
N SER B 158 -26.31 14.06 -9.16
CA SER B 158 -25.04 13.35 -9.26
C SER B 158 -24.33 13.51 -10.59
N ILE B 159 -23.00 13.59 -10.55
CA ILE B 159 -22.13 13.60 -11.73
C ILE B 159 -21.40 12.27 -11.71
N VAL B 160 -21.44 11.54 -12.83
CA VAL B 160 -20.76 10.26 -12.97
C VAL B 160 -19.75 10.43 -14.08
N VAL B 161 -18.46 10.25 -13.75
CA VAL B 161 -17.33 10.39 -14.68
C VAL B 161 -16.72 9.03 -14.97
N VAL B 162 -16.80 8.60 -16.22
CA VAL B 162 -16.25 7.32 -16.65
C VAL B 162 -14.76 7.47 -17.00
N SER B 163 -13.90 6.80 -16.22
CA SER B 163 -12.47 6.83 -16.42
C SER B 163 -11.93 5.41 -16.64
N SER B 164 -10.65 5.17 -16.33
CA SER B 164 -9.98 3.90 -16.56
C SER B 164 -8.91 3.66 -15.52
N LEU B 165 -8.35 2.41 -15.50
CA LEU B 165 -7.17 2.06 -14.70
C LEU B 165 -6.03 2.95 -15.23
N ALA B 166 -6.04 3.25 -16.56
CA ALA B 166 -5.09 4.13 -17.23
C ALA B 166 -5.25 5.60 -16.82
N GLY B 167 -6.24 5.88 -15.96
CA GLY B 167 -6.50 7.19 -15.37
C GLY B 167 -6.05 7.22 -13.93
N LYS B 168 -5.38 6.13 -13.46
CA LYS B 168 -4.89 5.95 -12.08
C LYS B 168 -3.44 5.47 -12.05
N VAL B 169 -3.08 4.60 -13.01
CA VAL B 169 -1.74 4.05 -13.13
C VAL B 169 -1.31 4.22 -14.61
N ALA B 170 0.00 4.10 -14.90
CA ALA B 170 0.51 4.26 -16.26
C ALA B 170 0.55 3.00 -17.10
N TYR B 171 0.28 3.16 -18.40
CA TYR B 171 0.31 2.11 -19.41
C TYR B 171 0.94 2.70 -20.64
N PRO B 172 1.76 1.94 -21.38
CA PRO B 172 2.28 2.46 -22.64
C PRO B 172 1.17 2.39 -23.70
N MET B 173 1.37 3.06 -24.86
CA MET B 173 0.46 3.01 -26.03
C MET B 173 -0.81 3.83 -25.98
N VAL B 174 -1.08 4.47 -24.82
CA VAL B 174 -2.27 5.29 -24.56
C VAL B 174 -1.91 6.61 -23.87
N ALA B 175 -0.74 7.21 -24.20
CA ALA B 175 -0.27 8.46 -23.56
C ALA B 175 -1.28 9.62 -23.55
N ALA B 176 -1.83 9.99 -24.73
CA ALA B 176 -2.81 11.07 -24.88
C ALA B 176 -4.09 10.77 -24.11
N TYR B 177 -4.62 9.54 -24.29
CA TYR B 177 -5.81 9.03 -23.62
C TYR B 177 -5.65 9.06 -22.10
N SER B 178 -4.54 8.53 -21.62
CA SER B 178 -4.20 8.42 -20.20
C SER B 178 -4.09 9.81 -19.54
N ALA B 179 -3.43 10.76 -20.23
CA ALA B 179 -3.31 12.16 -19.80
C ALA B 179 -4.69 12.76 -19.58
N SER B 180 -5.62 12.54 -20.52
CA SER B 180 -7.02 13.04 -20.43
C SER B 180 -7.78 12.42 -19.26
N LYS B 181 -7.52 11.12 -18.97
CA LYS B 181 -8.18 10.40 -17.86
C LYS B 181 -7.64 10.82 -16.50
N PHE B 182 -6.32 11.05 -16.42
CA PHE B 182 -5.66 11.57 -15.21
C PHE B 182 -6.20 12.98 -14.94
N ALA B 183 -6.35 13.83 -16.01
CA ALA B 183 -6.90 15.20 -15.90
C ALA B 183 -8.31 15.21 -15.24
N LEU B 184 -9.16 14.24 -15.60
CA LEU B 184 -10.51 14.07 -15.02
C LEU B 184 -10.45 13.86 -13.51
N ASP B 185 -9.49 13.06 -13.03
CA ASP B 185 -9.30 12.79 -11.61
C ASP B 185 -8.91 14.10 -10.90
N GLY B 186 -7.89 14.79 -11.42
CA GLY B 186 -7.43 16.05 -10.85
C GLY B 186 -8.53 17.10 -10.78
N PHE B 187 -9.27 17.27 -11.89
CA PHE B 187 -10.33 18.26 -11.95
C PHE B 187 -11.52 17.94 -11.04
N PHE B 188 -12.14 16.77 -11.23
CA PHE B 188 -13.30 16.36 -10.48
C PHE B 188 -13.08 16.11 -9.00
N SER B 189 -11.87 15.66 -8.62
CA SER B 189 -11.55 15.43 -7.22
C SER B 189 -11.36 16.76 -6.48
N SER B 190 -10.89 17.79 -7.21
CA SER B 190 -10.71 19.15 -6.68
C SER B 190 -12.08 19.80 -6.42
N ILE B 191 -12.98 19.78 -7.43
CA ILE B 191 -14.32 20.34 -7.30
C ILE B 191 -15.18 19.59 -6.26
N ARG B 192 -14.91 18.28 -6.03
CA ARG B 192 -15.61 17.51 -5.00
C ARG B 192 -15.35 18.14 -3.62
N LYS B 193 -14.09 18.53 -3.36
CA LYS B 193 -13.67 19.19 -2.12
C LYS B 193 -14.29 20.59 -2.00
N GLU B 194 -14.38 21.29 -3.14
CA GLU B 194 -14.99 22.61 -3.23
C GLU B 194 -16.47 22.55 -2.91
N TYR B 195 -17.18 21.57 -3.48
CA TYR B 195 -18.63 21.36 -3.26
C TYR B 195 -18.92 21.08 -1.79
N SER B 196 -18.06 20.30 -1.15
CA SER B 196 -18.15 19.90 0.24
C SER B 196 -18.18 21.11 1.19
N VAL B 197 -17.31 22.11 0.95
CA VAL B 197 -17.24 23.31 1.79
C VAL B 197 -18.27 24.38 1.41
N SER B 198 -18.73 24.37 0.15
CA SER B 198 -19.70 25.31 -0.41
C SER B 198 -21.13 24.84 -0.21
N ARG B 199 -21.33 23.64 0.39
CA ARG B 199 -22.64 23.01 0.61
C ARG B 199 -23.39 22.78 -0.73
N VAL B 200 -22.64 22.36 -1.76
CA VAL B 200 -23.19 22.01 -3.07
C VAL B 200 -23.41 20.49 -2.96
N ASN B 201 -24.67 20.10 -2.74
CA ASN B 201 -25.04 18.69 -2.54
C ASN B 201 -25.14 17.90 -3.85
N VAL B 202 -24.06 17.91 -4.63
CA VAL B 202 -23.95 17.21 -5.91
C VAL B 202 -22.78 16.21 -5.75
N SER B 203 -23.10 14.92 -5.81
CA SER B 203 -22.07 13.89 -5.69
C SER B 203 -21.29 13.74 -7.02
N ILE B 204 -20.02 13.30 -6.91
CA ILE B 204 -19.12 13.08 -8.04
C ILE B 204 -18.53 11.67 -7.92
N THR B 205 -18.89 10.79 -8.87
CA THR B 205 -18.42 9.40 -8.92
C THR B 205 -17.42 9.24 -10.08
N LEU B 206 -16.15 8.94 -9.76
CA LEU B 206 -15.11 8.65 -10.75
C LEU B 206 -15.03 7.12 -10.89
N CYS B 207 -15.32 6.61 -12.09
CA CYS B 207 -15.34 5.16 -12.34
C CYS B 207 -14.05 4.70 -12.98
N VAL B 208 -13.29 3.88 -12.28
CA VAL B 208 -11.98 3.38 -12.70
C VAL B 208 -12.19 1.97 -13.25
N LEU B 209 -12.25 1.86 -14.58
CA LEU B 209 -12.53 0.61 -15.27
C LEU B 209 -11.32 -0.05 -15.91
N GLY B 210 -11.26 -1.38 -15.80
CA GLY B 210 -10.27 -2.20 -16.47
C GLY B 210 -10.74 -2.51 -17.87
N LEU B 211 -10.13 -3.52 -18.53
CA LEU B 211 -10.56 -3.93 -19.87
C LEU B 211 -12.02 -4.44 -19.86
N ILE B 212 -12.86 -3.89 -20.77
CA ILE B 212 -14.29 -4.22 -20.92
C ILE B 212 -14.49 -4.72 -22.34
N ASP B 213 -15.28 -5.79 -22.51
CA ASP B 213 -15.53 -6.46 -23.79
C ASP B 213 -16.34 -5.69 -24.86
N THR B 214 -16.17 -4.36 -24.95
CA THR B 214 -16.89 -3.61 -25.99
C THR B 214 -16.21 -3.90 -27.32
N GLU B 215 -16.99 -3.89 -28.39
CA GLU B 215 -16.56 -4.15 -29.77
C GLU B 215 -15.32 -3.31 -30.11
N THR B 216 -15.40 -1.99 -29.87
CA THR B 216 -14.34 -1.00 -30.12
C THR B 216 -13.03 -1.29 -29.36
N ALA B 217 -13.10 -1.55 -28.03
CA ALA B 217 -11.92 -1.83 -27.20
C ALA B 217 -11.30 -3.15 -27.61
N MET B 218 -12.13 -4.19 -27.92
CA MET B 218 -11.65 -5.51 -28.34
C MET B 218 -10.87 -5.42 -29.64
N LYS B 219 -11.35 -4.56 -30.56
CA LYS B 219 -10.66 -4.33 -31.83
C LYS B 219 -9.33 -3.61 -31.60
N ALA B 220 -9.34 -2.58 -30.76
CA ALA B 220 -8.18 -1.74 -30.48
C ALA B 220 -7.04 -2.50 -29.79
N VAL B 221 -7.37 -3.48 -28.94
CA VAL B 221 -6.35 -4.26 -28.23
C VAL B 221 -5.93 -5.58 -28.88
N SER B 222 -6.63 -6.02 -29.92
CA SER B 222 -6.39 -7.26 -30.67
C SER B 222 -4.93 -7.48 -31.05
N GLY B 223 -4.35 -8.55 -30.52
CA GLY B 223 -2.96 -8.96 -30.75
C GLY B 223 -1.93 -8.16 -30.00
N ILE B 224 -2.37 -7.20 -29.17
CA ILE B 224 -1.47 -6.31 -28.43
C ILE B 224 -1.60 -6.60 -26.94
N VAL B 225 -2.81 -6.51 -26.43
CA VAL B 225 -3.12 -6.68 -25.03
C VAL B 225 -3.80 -8.02 -24.90
N HIS B 226 -3.23 -8.87 -24.04
CA HIS B 226 -3.76 -10.20 -23.77
C HIS B 226 -4.20 -10.20 -22.29
N MET B 227 -5.40 -9.67 -22.04
CA MET B 227 -5.98 -9.57 -20.70
C MET B 227 -7.38 -10.14 -20.77
N GLN B 228 -7.92 -10.57 -19.61
CA GLN B 228 -9.32 -11.02 -19.54
C GLN B 228 -10.19 -9.74 -19.56
N ALA B 229 -11.18 -9.68 -20.46
CA ALA B 229 -12.09 -8.55 -20.63
C ALA B 229 -13.33 -8.80 -19.79
N ALA B 230 -13.75 -7.79 -19.01
CA ALA B 230 -14.93 -7.87 -18.17
C ALA B 230 -16.20 -7.59 -18.98
N PRO B 231 -17.39 -8.14 -18.59
CA PRO B 231 -18.60 -7.88 -19.41
C PRO B 231 -19.17 -6.46 -19.28
N LYS B 232 -19.46 -5.85 -20.44
CA LYS B 232 -20.01 -4.49 -20.58
C LYS B 232 -21.35 -4.26 -19.87
N GLU B 233 -22.19 -5.31 -19.77
CA GLU B 233 -23.51 -5.25 -19.14
C GLU B 233 -23.35 -4.99 -17.66
N GLU B 234 -22.49 -5.80 -16.99
CA GLU B 234 -22.20 -5.71 -15.56
C GLU B 234 -21.46 -4.41 -15.25
N CYS B 235 -20.53 -4.02 -16.13
CA CYS B 235 -19.77 -2.78 -16.01
C CYS B 235 -20.70 -1.60 -15.92
N ALA B 236 -21.63 -1.50 -16.89
CA ALA B 236 -22.65 -0.46 -16.98
C ALA B 236 -23.47 -0.35 -15.69
N LEU B 237 -23.87 -1.49 -15.11
CA LEU B 237 -24.66 -1.55 -13.88
C LEU B 237 -23.87 -1.05 -12.69
N GLU B 238 -22.59 -1.47 -12.57
CA GLU B 238 -21.69 -1.04 -11.48
C GLU B 238 -21.46 0.47 -11.47
N ILE B 239 -21.43 1.10 -12.66
CA ILE B 239 -21.30 2.55 -12.80
C ILE B 239 -22.56 3.24 -12.25
N ILE B 240 -23.74 2.80 -12.70
CA ILE B 240 -25.04 3.32 -12.26
C ILE B 240 -25.20 3.17 -10.75
N LYS B 241 -24.85 1.99 -10.21
CA LYS B 241 -24.90 1.68 -8.79
C LYS B 241 -24.10 2.69 -7.98
N GLY B 242 -22.86 2.94 -8.42
CA GLY B 242 -21.94 3.89 -7.78
C GLY B 242 -22.49 5.31 -7.73
N GLY B 243 -23.06 5.75 -8.85
CA GLY B 243 -23.69 7.06 -8.95
C GLY B 243 -24.88 7.18 -8.02
N ALA B 244 -25.77 6.15 -8.04
CA ALA B 244 -26.97 6.06 -7.17
C ALA B 244 -26.60 6.09 -5.70
N LEU B 245 -25.51 5.40 -5.31
CA LEU B 245 -25.02 5.32 -3.94
C LEU B 245 -24.14 6.50 -3.52
N ARG B 246 -23.89 7.43 -4.47
CA ARG B 246 -23.09 8.65 -4.27
C ARG B 246 -21.66 8.33 -3.84
N GLN B 247 -21.14 7.20 -4.35
CA GLN B 247 -19.79 6.74 -4.06
C GLN B 247 -18.83 7.68 -4.79
N GLU B 248 -17.71 8.00 -4.15
CA GLU B 248 -16.70 8.88 -4.73
C GLU B 248 -15.99 8.18 -5.89
N GLU B 249 -15.72 6.88 -5.71
CA GLU B 249 -15.01 6.09 -6.72
C GLU B 249 -15.58 4.68 -6.88
N VAL B 250 -15.65 4.20 -8.12
CA VAL B 250 -16.06 2.84 -8.49
C VAL B 250 -14.84 2.22 -9.12
N TYR B 251 -14.53 0.99 -8.73
CA TYR B 251 -13.43 0.23 -9.31
C TYR B 251 -14.01 -1.03 -9.90
N TYR B 252 -13.80 -1.24 -11.20
CA TYR B 252 -14.34 -2.41 -11.88
C TYR B 252 -13.35 -3.03 -12.86
N ASP B 253 -12.93 -4.25 -12.56
CA ASP B 253 -11.94 -5.01 -13.33
C ASP B 253 -12.11 -6.52 -13.11
N SER B 254 -11.65 -7.31 -14.10
CA SER B 254 -11.64 -8.77 -14.08
C SER B 254 -10.77 -9.36 -12.98
N SER B 255 -9.59 -8.77 -12.75
CA SER B 255 -8.65 -9.28 -11.76
C SER B 255 -8.92 -8.86 -10.33
N ARG B 256 -8.76 -9.80 -9.41
CA ARG B 256 -8.91 -9.60 -7.97
C ARG B 256 -7.69 -8.81 -7.44
N TRP B 257 -6.53 -8.86 -8.16
CA TRP B 257 -5.31 -8.13 -7.77
C TRP B 257 -5.52 -6.66 -7.97
N THR B 258 -6.26 -6.28 -9.06
CA THR B 258 -6.58 -4.89 -9.37
C THR B 258 -7.36 -4.30 -8.24
N THR B 259 -8.55 -4.88 -8.03
CA THR B 259 -9.52 -4.52 -6.99
C THR B 259 -8.83 -4.31 -5.64
N LEU B 260 -7.89 -5.19 -5.28
CA LEU B 260 -7.10 -5.13 -4.05
C LEU B 260 -6.02 -4.03 -4.02
N LEU B 261 -5.39 -3.74 -5.17
CA LEU B 261 -4.28 -2.78 -5.26
C LEU B 261 -4.52 -1.34 -5.76
N ILE B 262 -5.55 -1.07 -6.63
CA ILE B 262 -5.80 0.29 -7.20
C ILE B 262 -6.07 1.35 -6.19
N ARG B 263 -6.69 0.97 -5.07
CA ARG B 263 -7.03 1.94 -4.03
C ARG B 263 -5.79 2.54 -3.45
N ASN B 264 -5.83 3.86 -3.20
CA ASN B 264 -4.71 4.60 -2.66
C ASN B 264 -5.13 5.18 -1.31
N PRO B 265 -5.05 4.37 -0.21
CA PRO B 265 -5.44 4.90 1.12
C PRO B 265 -4.57 6.06 1.57
N CYS B 266 -3.28 6.09 1.16
CA CYS B 266 -2.33 7.14 1.50
C CYS B 266 -2.74 8.50 0.95
N ARG B 267 -3.32 8.52 -0.28
CA ARG B 267 -3.81 9.76 -0.91
C ARG B 267 -4.91 10.35 -0.06
N LYS B 268 -5.86 9.50 0.39
CA LYS B 268 -7.00 9.87 1.22
C LYS B 268 -6.57 10.44 2.56
N ILE B 269 -5.59 9.79 3.22
CA ILE B 269 -5.01 10.25 4.48
C ILE B 269 -4.36 11.61 4.29
N LEU B 270 -3.48 11.76 3.28
CA LEU B 270 -2.83 13.02 2.97
C LEU B 270 -3.82 14.16 2.75
N GLU B 271 -4.87 13.93 1.94
CA GLU B 271 -5.91 14.93 1.65
C GLU B 271 -6.58 15.47 2.94
N GLU B 272 -6.88 14.56 3.89
CA GLU B 272 -7.45 14.90 5.19
C GLU B 272 -6.45 15.74 6.01
N LEU B 273 -5.16 15.36 6.02
CA LEU B 273 -4.12 16.10 6.73
C LEU B 273 -3.91 17.53 6.18
N TYR B 274 -4.06 17.74 4.85
CA TYR B 274 -3.95 19.06 4.23
C TYR B 274 -5.21 19.92 4.37
N SER B 275 -6.38 19.28 4.60
CA SER B 275 -7.67 19.97 4.74
C SER B 275 -7.71 21.03 5.87
N THR B 276 -6.82 20.88 6.86
CA THR B 276 -6.69 21.79 8.00
C THR B 276 -5.68 22.91 7.73
N SER B 277 -4.86 22.78 6.67
CA SER B 277 -3.83 23.74 6.30
C SER B 277 -4.29 24.92 5.42
N TYR B 278 -5.60 24.99 5.08
CA TYR B 278 -6.15 26.09 4.29
C TYR B 278 -7.46 26.67 4.84
N ASN B 279 -7.63 28.00 4.67
CA ASN B 279 -8.78 28.80 5.09
C ASN B 279 -9.55 29.35 3.89
N MET B 280 -10.73 28.77 3.62
CA MET B 280 -11.55 29.10 2.47
C MET B 280 -12.71 30.04 2.75
N ASP B 281 -12.94 30.39 4.01
CA ASP B 281 -14.03 31.31 4.33
C ASP B 281 -13.74 32.75 3.92
N ARG B 282 -13.90 33.00 2.62
CA ARG B 282 -13.70 34.22 1.83
C ARG B 282 -14.28 33.90 0.44
N PHE B 283 -14.35 32.60 0.11
CA PHE B 283 -14.93 32.04 -1.11
C PHE B 283 -16.35 31.55 -0.83
N ILE B 284 -16.66 31.28 0.45
CA ILE B 284 -17.98 30.88 0.93
C ILE B 284 -18.29 31.49 2.29
N MET C 4 52.47 -4.20 14.75
CA MET C 4 51.82 -3.31 13.79
C MET C 4 50.40 -2.90 14.21
N ALA C 5 49.60 -3.84 14.80
CA ALA C 5 48.23 -3.59 15.25
C ALA C 5 48.13 -2.42 16.26
N SER C 6 49.13 -2.27 17.15
CA SER C 6 49.20 -1.19 18.15
C SER C 6 49.45 0.20 17.49
N MET C 7 49.99 0.17 16.25
CA MET C 7 50.32 1.34 15.44
C MET C 7 49.28 1.56 14.34
N THR C 8 48.23 0.71 14.31
CA THR C 8 47.12 0.73 13.35
C THR C 8 45.80 1.15 14.03
N GLY C 9 44.96 1.84 13.27
CA GLY C 9 43.65 2.32 13.69
C GLY C 9 42.85 2.88 12.52
N GLY C 10 41.55 3.00 12.71
CA GLY C 10 40.65 3.52 11.68
C GLY C 10 39.34 2.77 11.51
N GLN C 11 38.49 3.27 10.60
CA GLN C 11 37.15 2.74 10.33
C GLN C 11 36.93 2.40 8.85
N GLN C 12 36.22 1.29 8.60
CA GLN C 12 35.84 0.84 7.28
C GLN C 12 34.52 1.50 6.87
N MET C 13 33.69 1.87 7.86
CA MET C 13 32.35 2.43 7.66
C MET C 13 32.27 3.94 7.41
N GLY C 14 32.74 4.38 6.25
CA GLY C 14 32.70 5.78 5.85
C GLY C 14 31.52 6.10 4.96
N ARG C 15 31.69 7.05 4.01
CA ARG C 15 30.63 7.46 3.08
C ARG C 15 30.29 6.35 2.08
N GLY C 16 29.00 6.02 2.00
CA GLY C 16 28.47 4.98 1.13
C GLY C 16 28.47 3.59 1.73
N SER C 17 28.74 3.50 3.05
CA SER C 17 28.77 2.23 3.77
C SER C 17 27.40 1.81 4.33
N ASN C 18 26.34 2.60 4.08
CA ASN C 18 24.97 2.30 4.51
C ASN C 18 24.25 1.63 3.34
N GLU C 19 24.80 1.88 2.13
CA GLU C 19 24.32 1.41 0.84
C GLU C 19 25.21 0.37 0.15
N GLU C 20 26.56 0.55 0.13
CA GLU C 20 27.37 -0.44 -0.59
C GLU C 20 28.32 -1.30 0.24
N PHE C 21 28.07 -2.61 0.22
CA PHE C 21 28.84 -3.61 0.97
C PHE C 21 30.21 -3.88 0.37
N ARG C 22 31.19 -4.14 1.26
CA ARG C 22 32.54 -4.58 0.92
C ARG C 22 32.86 -5.70 1.90
N PRO C 23 33.54 -6.78 1.46
CA PRO C 23 33.91 -7.85 2.40
C PRO C 23 34.82 -7.41 3.56
N GLU C 24 35.55 -6.30 3.38
CA GLU C 24 36.46 -5.73 4.38
C GLU C 24 35.72 -5.19 5.59
N MET C 25 34.40 -4.96 5.49
CA MET C 25 33.54 -4.52 6.62
C MET C 25 33.50 -5.55 7.76
N LEU C 26 33.77 -6.83 7.43
CA LEU C 26 33.78 -7.93 8.39
C LEU C 26 35.20 -8.30 8.88
N GLN C 27 36.25 -7.73 8.26
CA GLN C 27 37.64 -7.98 8.62
C GLN C 27 37.90 -7.62 10.09
N GLY C 28 38.28 -8.63 10.88
CA GLY C 28 38.55 -8.50 12.31
C GLY C 28 37.31 -8.39 13.20
N LYS C 29 36.10 -8.53 12.63
CA LYS C 29 34.86 -8.47 13.39
C LYS C 29 34.65 -9.77 14.14
N LYS C 30 34.05 -9.67 15.34
CA LYS C 30 33.79 -10.80 16.24
C LYS C 30 32.35 -11.23 16.06
N VAL C 31 32.17 -12.38 15.40
CA VAL C 31 30.88 -12.91 15.01
C VAL C 31 30.54 -14.29 15.57
N ILE C 32 29.30 -14.41 16.08
CA ILE C 32 28.70 -15.67 16.51
C ILE C 32 27.77 -16.10 15.35
N VAL C 33 27.81 -17.40 14.98
CA VAL C 33 26.89 -17.99 14.00
C VAL C 33 26.30 -19.23 14.70
N THR C 34 24.96 -19.25 14.85
CA THR C 34 24.29 -20.41 15.45
C THR C 34 23.83 -21.27 14.30
N GLY C 35 23.55 -22.55 14.57
CA GLY C 35 23.16 -23.52 13.56
C GLY C 35 24.12 -23.52 12.39
N ALA C 36 25.42 -23.50 12.71
CA ALA C 36 26.51 -23.36 11.75
C ALA C 36 27.26 -24.64 11.38
N SER C 37 26.74 -25.81 11.76
CA SER C 37 27.36 -27.09 11.41
C SER C 37 27.00 -27.48 9.96
N LYS C 38 25.87 -26.95 9.43
CA LYS C 38 25.38 -27.22 8.08
C LYS C 38 24.52 -26.09 7.51
N GLY C 39 24.10 -26.26 6.27
CA GLY C 39 23.23 -25.37 5.53
C GLY C 39 23.70 -23.93 5.38
N ILE C 40 22.75 -22.99 5.56
CA ILE C 40 23.00 -21.56 5.46
C ILE C 40 24.02 -21.10 6.51
N GLY C 41 23.87 -21.57 7.75
CA GLY C 41 24.76 -21.26 8.87
C GLY C 41 26.22 -21.57 8.55
N ARG C 42 26.51 -22.78 8.01
CA ARG C 42 27.86 -23.19 7.60
C ARG C 42 28.40 -22.27 6.49
N GLU C 43 27.55 -21.93 5.49
CA GLU C 43 27.91 -21.04 4.39
C GLU C 43 28.29 -19.64 4.92
N MET C 44 27.57 -19.15 5.95
CA MET C 44 27.82 -17.86 6.58
C MET C 44 29.18 -17.89 7.27
N ALA C 45 29.47 -18.96 8.03
CA ALA C 45 30.76 -19.15 8.72
C ALA C 45 31.93 -19.07 7.70
N TYR C 46 31.76 -19.72 6.53
CA TYR C 46 32.75 -19.76 5.43
C TYR C 46 32.95 -18.39 4.80
N HIS C 47 31.84 -17.66 4.53
CA HIS C 47 31.96 -16.31 3.99
C HIS C 47 32.71 -15.41 4.96
N LEU C 48 32.38 -15.49 6.28
CA LEU C 48 33.00 -14.70 7.34
C LEU C 48 34.49 -15.01 7.48
N ALA C 49 34.86 -16.28 7.32
CA ALA C 49 36.24 -16.76 7.35
C ALA C 49 37.04 -16.12 6.21
N LYS C 50 36.49 -16.15 4.97
CA LYS C 50 37.10 -15.54 3.78
C LYS C 50 37.29 -14.03 3.98
N MET C 51 36.40 -13.40 4.74
CA MET C 51 36.43 -11.97 5.04
C MET C 51 37.42 -11.59 6.17
N GLY C 52 37.94 -12.61 6.86
CA GLY C 52 38.91 -12.45 7.94
C GLY C 52 38.32 -12.07 9.28
N ALA C 53 37.07 -12.49 9.53
CA ALA C 53 36.38 -12.22 10.78
C ALA C 53 36.79 -13.26 11.80
N HIS C 54 36.62 -12.93 13.10
CA HIS C 54 36.79 -13.85 14.21
C HIS C 54 35.44 -14.53 14.28
N VAL C 55 35.45 -15.84 14.36
CA VAL C 55 34.19 -16.59 14.33
C VAL C 55 34.10 -17.59 15.47
N VAL C 56 32.88 -17.74 16.00
CA VAL C 56 32.53 -18.75 16.99
C VAL C 56 31.24 -19.37 16.47
N VAL C 57 31.31 -20.66 16.17
CA VAL C 57 30.19 -21.42 15.60
C VAL C 57 29.60 -22.36 16.60
N THR C 58 28.29 -22.57 16.51
CA THR C 58 27.57 -23.48 17.40
C THR C 58 26.51 -24.28 16.66
N ALA C 59 26.21 -25.45 17.23
CA ALA C 59 25.23 -26.47 16.82
C ALA C 59 25.43 -27.63 17.83
N ARG C 60 24.69 -28.73 17.70
CA ARG C 60 24.86 -29.82 18.67
C ARG C 60 26.06 -30.73 18.33
N SER C 61 26.34 -30.94 17.04
CA SER C 61 27.37 -31.89 16.61
C SER C 61 28.81 -31.35 16.65
N LYS C 62 29.59 -31.79 17.67
CA LYS C 62 30.98 -31.38 17.84
C LYS C 62 31.88 -31.76 16.68
N GLU C 63 31.66 -32.96 16.09
CA GLU C 63 32.43 -33.49 14.96
C GLU C 63 32.28 -32.66 13.70
N THR C 64 31.05 -32.26 13.38
CA THR C 64 30.77 -31.43 12.21
C THR C 64 31.26 -30.00 12.45
N LEU C 65 31.07 -29.47 13.68
CA LEU C 65 31.57 -28.15 14.05
C LEU C 65 33.09 -28.06 13.89
N GLN C 66 33.85 -29.13 14.30
CA GLN C 66 35.32 -29.24 14.19
C GLN C 66 35.79 -29.02 12.75
N LYS C 67 35.08 -29.64 11.78
CA LYS C 67 35.37 -29.55 10.35
C LYS C 67 35.13 -28.15 9.79
N VAL C 68 34.04 -27.47 10.25
CA VAL C 68 33.68 -26.11 9.84
C VAL C 68 34.79 -25.16 10.35
N VAL C 69 35.20 -25.32 11.61
CA VAL C 69 36.27 -24.53 12.24
C VAL C 69 37.59 -24.70 11.46
N SER C 70 38.01 -25.97 11.20
CA SER C 70 39.22 -26.28 10.43
C SER C 70 39.19 -25.62 9.06
N HIS C 71 38.04 -25.73 8.35
CA HIS C 71 37.88 -25.09 7.05
C HIS C 71 37.87 -23.56 7.11
N CYS C 72 37.27 -22.99 8.19
CA CYS C 72 37.25 -21.53 8.42
C CYS C 72 38.67 -21.00 8.52
N LEU C 73 39.54 -21.71 9.26
CA LEU C 73 40.96 -21.35 9.41
C LEU C 73 41.68 -21.39 8.07
N GLU C 74 41.43 -22.43 7.24
CA GLU C 74 41.99 -22.57 5.89
C GLU C 74 41.58 -21.40 5.01
N LEU C 75 40.31 -20.95 5.13
CA LEU C 75 39.75 -19.85 4.34
C LEU C 75 40.28 -18.48 4.69
N GLY C 76 40.91 -18.34 5.86
CA GLY C 76 41.49 -17.08 6.29
C GLY C 76 40.79 -16.35 7.43
N ALA C 77 40.07 -17.09 8.31
CA ALA C 77 39.43 -16.53 9.49
C ALA C 77 40.54 -15.99 10.44
N ALA C 78 40.28 -14.82 11.08
CA ALA C 78 41.24 -14.26 12.04
C ALA C 78 41.40 -15.22 13.22
N SER C 79 40.31 -15.94 13.55
CA SER C 79 40.23 -17.01 14.55
C SER C 79 38.93 -17.76 14.33
N ALA C 80 38.88 -19.05 14.68
CA ALA C 80 37.67 -19.87 14.55
C ALA C 80 37.60 -20.88 15.69
N HIS C 81 36.49 -20.86 16.45
CA HIS C 81 36.25 -21.78 17.56
C HIS C 81 34.83 -22.31 17.44
N TYR C 82 34.53 -23.39 18.17
CA TYR C 82 33.21 -23.95 18.26
C TYR C 82 32.89 -24.28 19.71
N ILE C 83 31.60 -24.23 20.06
CA ILE C 83 31.07 -24.65 21.37
C ILE C 83 29.82 -25.45 21.01
N ALA C 84 29.82 -26.75 21.27
CA ALA C 84 28.68 -27.62 20.95
C ALA C 84 27.66 -27.68 22.08
N GLY C 85 26.39 -27.63 21.70
CA GLY C 85 25.28 -27.72 22.65
C GLY C 85 23.93 -27.55 21.99
N THR C 86 22.88 -27.89 22.75
CA THR C 86 21.51 -27.77 22.29
C THR C 86 20.86 -26.45 22.72
N MET C 87 20.19 -25.80 21.78
CA MET C 87 19.47 -24.55 22.02
C MET C 87 18.11 -24.77 22.68
N GLU C 88 17.79 -26.04 23.03
CA GLU C 88 16.61 -26.41 23.84
C GLU C 88 16.92 -26.03 25.30
N ASP C 89 18.23 -25.98 25.63
CA ASP C 89 18.76 -25.67 26.96
C ASP C 89 19.11 -24.18 27.03
N MET C 90 18.26 -23.41 27.73
CA MET C 90 18.39 -21.97 27.90
C MET C 90 19.63 -21.57 28.72
N THR C 91 20.12 -22.48 29.60
CA THR C 91 21.36 -22.29 30.38
C THR C 91 22.56 -22.36 29.41
N PHE C 92 22.56 -23.34 28.50
CA PHE C 92 23.60 -23.47 27.48
C PHE C 92 23.62 -22.20 26.62
N ALA C 93 22.44 -21.81 26.08
CA ALA C 93 22.27 -20.63 25.24
C ALA C 93 22.89 -19.36 25.90
N GLU C 94 22.60 -19.13 27.20
CA GLU C 94 23.12 -18.01 27.98
C GLU C 94 24.63 -18.09 28.21
N GLN C 95 25.13 -19.27 28.63
CA GLN C 95 26.54 -19.46 28.88
C GLN C 95 27.38 -19.48 27.62
N PHE C 96 26.83 -19.97 26.51
CA PHE C 96 27.51 -19.99 25.21
C PHE C 96 28.00 -18.59 24.80
N VAL C 97 27.15 -17.55 24.95
CA VAL C 97 27.49 -16.17 24.57
C VAL C 97 28.67 -15.63 25.40
N ALA C 98 28.65 -15.87 26.74
CA ALA C 98 29.74 -15.45 27.62
C ALA C 98 31.08 -16.09 27.16
N GLN C 99 31.06 -17.41 26.96
CA GLN C 99 32.22 -18.19 26.52
C GLN C 99 32.69 -17.77 25.14
N ALA C 100 31.73 -17.54 24.20
CA ALA C 100 32.08 -17.09 22.85
C ALA C 100 32.73 -15.70 22.88
N GLY C 101 32.18 -14.80 23.70
CA GLY C 101 32.69 -13.44 23.90
C GLY C 101 34.10 -13.42 24.47
N LYS C 102 34.37 -14.34 25.40
CA LYS C 102 35.68 -14.52 26.02
C LYS C 102 36.72 -15.03 25.01
N LEU C 103 36.31 -15.96 24.12
CA LEU C 103 37.15 -16.52 23.05
C LEU C 103 37.63 -15.45 22.05
N MET C 104 36.76 -14.45 21.77
CA MET C 104 37.04 -13.40 20.79
C MET C 104 37.43 -12.05 21.40
N GLY C 105 37.20 -11.88 22.71
CA GLY C 105 37.42 -10.62 23.42
C GLY C 105 36.39 -9.56 23.06
N GLY C 106 35.12 -9.95 22.97
CA GLY C 106 34.04 -9.04 22.59
C GLY C 106 33.11 -9.65 21.57
N LEU C 107 32.14 -8.86 21.10
CA LEU C 107 31.17 -9.31 20.10
C LEU C 107 30.67 -8.16 19.28
N ASP C 108 30.70 -8.31 17.94
CA ASP C 108 30.23 -7.31 16.98
C ASP C 108 28.92 -7.72 16.30
N MET C 109 28.75 -9.01 16.04
CA MET C 109 27.57 -9.50 15.33
C MET C 109 27.12 -10.86 15.85
N LEU C 110 25.83 -10.96 16.14
CA LEU C 110 25.17 -12.16 16.65
C LEU C 110 24.22 -12.67 15.56
N ILE C 111 24.60 -13.79 14.91
CA ILE C 111 23.78 -14.36 13.84
C ILE C 111 22.99 -15.55 14.39
N LEU C 112 21.67 -15.33 14.51
CA LEU C 112 20.71 -16.30 15.06
C LEU C 112 20.05 -16.99 13.90
N ASN C 113 20.44 -18.26 13.68
CA ASN C 113 20.07 -19.03 12.50
C ASN C 113 19.50 -20.44 12.76
N HIS C 114 19.86 -21.09 13.86
CA HIS C 114 19.39 -22.44 14.20
C HIS C 114 17.87 -22.56 14.30
N ILE C 115 17.35 -23.75 14.04
CA ILE C 115 15.95 -24.14 14.17
C ILE C 115 15.89 -25.57 14.69
N THR C 116 14.76 -25.94 15.28
CA THR C 116 14.55 -27.32 15.71
C THR C 116 14.21 -28.13 14.44
N ASN C 117 14.47 -29.44 14.43
CA ASN C 117 14.16 -30.31 13.31
C ASN C 117 12.65 -30.30 13.01
N THR C 118 12.32 -30.00 11.77
CA THR C 118 10.91 -29.87 11.35
C THR C 118 10.69 -30.52 10.00
N SER C 119 9.51 -31.06 9.82
CA SER C 119 9.13 -31.68 8.56
C SER C 119 7.81 -31.04 8.13
N LEU C 120 7.47 -31.18 6.83
CA LEU C 120 6.21 -30.62 6.34
C LEU C 120 5.15 -31.65 6.64
N ASN C 121 4.15 -31.27 7.44
CA ASN C 121 3.05 -32.13 7.84
C ASN C 121 1.85 -31.27 8.19
N LEU C 122 0.63 -31.83 8.01
CA LEU C 122 -0.60 -31.17 8.40
C LEU C 122 -0.62 -31.12 9.93
N PHE C 123 -1.14 -30.07 10.50
CA PHE C 123 -1.18 -30.02 11.97
C PHE C 123 -2.41 -30.80 12.47
N HIS C 124 -2.18 -31.67 13.47
CA HIS C 124 -3.25 -32.45 14.09
CA HIS C 124 -3.27 -32.41 14.10
C HIS C 124 -3.24 -32.34 15.62
N ASP C 125 -2.26 -32.98 16.25
CA ASP C 125 -2.11 -33.15 17.69
C ASP C 125 -0.80 -32.74 18.31
N ASP C 126 0.23 -32.51 17.48
CA ASP C 126 1.58 -32.33 17.95
C ASP C 126 1.90 -31.03 18.69
N ILE C 127 1.40 -30.92 19.92
CA ILE C 127 1.63 -29.79 20.81
C ILE C 127 3.09 -29.73 21.29
N HIS C 128 3.74 -30.91 21.40
CA HIS C 128 5.14 -31.00 21.80
C HIS C 128 6.02 -30.34 20.75
N HIS C 129 5.69 -30.50 19.45
CA HIS C 129 6.44 -29.87 18.36
C HIS C 129 6.15 -28.36 18.33
N VAL C 130 4.92 -27.94 18.65
CA VAL C 130 4.57 -26.50 18.70
C VAL C 130 5.39 -25.81 19.81
N ARG C 131 5.46 -26.42 21.00
CA ARG C 131 6.23 -25.92 22.14
C ARG C 131 7.73 -25.88 21.86
N LYS C 132 8.29 -26.99 21.37
CA LYS C 132 9.71 -27.11 21.03
C LYS C 132 10.12 -26.09 19.96
N SER C 133 9.26 -25.88 18.93
CA SER C 133 9.50 -24.88 17.89
C SER C 133 9.56 -23.50 18.52
N MET C 134 8.63 -23.19 19.44
CA MET C 134 8.64 -21.89 20.13
C MET C 134 9.90 -21.72 20.99
N GLU C 135 10.29 -22.76 21.72
CA GLU C 135 11.46 -22.79 22.59
C GLU C 135 12.78 -22.60 21.82
N VAL C 136 13.03 -23.45 20.83
CA VAL C 136 14.26 -23.44 20.01
C VAL C 136 14.31 -22.29 19.01
N ASN C 137 13.30 -22.13 18.18
CA ASN C 137 13.34 -21.10 17.13
C ASN C 137 13.12 -19.68 17.60
N PHE C 138 12.48 -19.51 18.75
CA PHE C 138 12.13 -18.18 19.23
C PHE C 138 12.73 -17.81 20.59
N LEU C 139 12.38 -18.54 21.64
CA LEU C 139 12.83 -18.26 23.00
C LEU C 139 14.33 -18.24 23.19
N SER C 140 15.05 -19.19 22.58
CA SER C 140 16.51 -19.26 22.65
C SER C 140 17.15 -18.06 21.96
N TYR C 141 16.51 -17.52 20.92
CA TYR C 141 16.98 -16.31 20.21
C TYR C 141 16.91 -15.10 21.16
N VAL C 142 15.84 -15.02 21.97
CA VAL C 142 15.64 -13.97 22.99
C VAL C 142 16.71 -14.13 24.09
N VAL C 143 16.92 -15.37 24.59
CA VAL C 143 17.93 -15.67 25.63
C VAL C 143 19.34 -15.26 25.12
N LEU C 144 19.69 -15.60 23.87
CA LEU C 144 20.98 -15.26 23.24
C LEU C 144 21.17 -13.75 23.10
N THR C 145 20.10 -13.03 22.71
CA THR C 145 20.08 -11.57 22.58
C THR C 145 20.33 -10.90 23.94
N VAL C 146 19.60 -11.33 25.00
CA VAL C 146 19.77 -10.81 26.35
C VAL C 146 21.23 -11.00 26.82
N ALA C 147 21.79 -12.20 26.57
CA ALA C 147 23.17 -12.52 26.97
C ALA C 147 24.21 -11.73 26.18
N ALA C 148 23.94 -11.45 24.91
CA ALA C 148 24.84 -10.74 23.99
C ALA C 148 24.78 -9.23 24.05
N LEU C 149 23.64 -8.65 24.47
CA LEU C 149 23.43 -7.20 24.49
C LEU C 149 24.50 -6.32 25.16
N PRO C 150 24.99 -6.60 26.40
CA PRO C 150 26.06 -5.77 26.99
C PRO C 150 27.29 -5.62 26.06
N MET C 151 27.75 -6.73 25.45
CA MET C 151 28.88 -6.71 24.49
C MET C 151 28.53 -5.98 23.22
N LEU C 152 27.30 -6.19 22.69
CA LEU C 152 26.85 -5.52 21.47
C LEU C 152 26.67 -4.01 21.64
N LYS C 153 26.26 -3.56 22.85
CA LYS C 153 26.13 -2.12 23.15
C LYS C 153 27.52 -1.48 23.14
N GLN C 154 28.52 -2.18 23.72
CA GLN C 154 29.93 -1.76 23.80
C GLN C 154 30.55 -1.55 22.39
N SER C 155 30.19 -2.39 21.44
CA SER C 155 30.72 -2.35 20.07
C SER C 155 29.79 -1.66 19.06
N ASN C 156 28.58 -1.24 19.50
CA ASN C 156 27.53 -0.69 18.62
C ASN C 156 27.28 -1.73 17.52
N GLY C 157 27.18 -2.98 17.98
CA GLY C 157 27.04 -4.19 17.17
C GLY C 157 25.71 -4.41 16.48
N SER C 158 25.53 -5.66 16.02
CA SER C 158 24.36 -6.07 15.24
C SER C 158 23.79 -7.42 15.63
N ILE C 159 22.47 -7.54 15.56
CA ILE C 159 21.74 -8.79 15.75
C ILE C 159 21.16 -9.14 14.38
N VAL C 160 21.41 -10.37 13.92
CA VAL C 160 20.90 -10.85 12.64
C VAL C 160 19.99 -12.03 12.96
N VAL C 161 18.72 -11.91 12.59
CA VAL C 161 17.67 -12.93 12.86
C VAL C 161 17.24 -13.56 11.55
N VAL C 162 17.52 -14.85 11.41
CA VAL C 162 17.16 -15.59 10.19
C VAL C 162 15.72 -16.11 10.29
N SER C 163 14.88 -15.59 9.39
CA SER C 163 13.47 -15.96 9.33
C SER C 163 13.15 -16.54 7.94
N SER C 164 11.87 -16.55 7.57
CA SER C 164 11.40 -17.15 6.33
C SER C 164 10.24 -16.30 5.75
N LEU C 165 9.85 -16.56 4.49
CA LEU C 165 8.65 -15.99 3.85
C LEU C 165 7.46 -16.46 4.72
N ALA C 166 7.54 -17.71 5.27
CA ALA C 166 6.56 -18.29 6.20
C ALA C 166 6.54 -17.56 7.57
N GLY C 167 7.41 -16.55 7.74
CA GLY C 167 7.43 -15.68 8.90
C GLY C 167 6.83 -14.31 8.58
N LYS C 168 6.24 -14.18 7.35
CA LYS C 168 5.64 -12.93 6.85
C LYS C 168 4.29 -13.20 6.24
N VAL C 169 4.14 -14.35 5.56
CA VAL C 169 2.88 -14.77 4.91
C VAL C 169 2.58 -16.20 5.36
N ALA C 170 1.34 -16.66 5.21
CA ALA C 170 0.89 -17.99 5.61
C ALA C 170 1.12 -19.09 4.57
N TYR C 171 1.53 -20.26 5.08
CA TYR C 171 1.78 -21.47 4.33
C TYR C 171 1.19 -22.66 5.11
N PRO C 172 0.61 -23.66 4.41
CA PRO C 172 0.16 -24.86 5.12
C PRO C 172 1.37 -25.78 5.37
N MET C 173 1.24 -26.79 6.27
CA MET C 173 2.27 -27.80 6.55
C MET C 173 3.44 -27.39 7.46
N VAL C 174 3.50 -26.11 7.83
CA VAL C 174 4.55 -25.51 8.67
C VAL C 174 3.93 -24.61 9.77
N ALA C 175 2.77 -25.00 10.35
CA ALA C 175 2.09 -24.17 11.35
C ALA C 175 2.92 -23.77 12.57
N ALA C 176 3.55 -24.74 13.25
CA ALA C 176 4.42 -24.54 14.41
C ALA C 176 5.64 -23.71 14.05
N TYR C 177 6.29 -24.05 12.94
CA TYR C 177 7.47 -23.35 12.42
C TYR C 177 7.15 -21.90 12.10
N SER C 178 6.04 -21.69 11.40
CA SER C 178 5.56 -20.39 10.95
C SER C 178 5.23 -19.48 12.15
N ALA C 179 4.56 -20.04 13.16
CA ALA C 179 4.22 -19.35 14.42
C ALA C 179 5.49 -18.82 15.07
N SER C 180 6.54 -19.68 15.15
CA SER C 180 7.84 -19.29 15.74
C SER C 180 8.53 -18.18 14.94
N LYS C 181 8.40 -18.20 13.59
CA LYS C 181 9.00 -17.17 12.71
C LYS C 181 8.26 -15.84 12.78
N PHE C 182 6.92 -15.90 12.87
CA PHE C 182 6.06 -14.72 13.06
C PHE C 182 6.39 -14.09 14.42
N ALA C 183 6.58 -14.92 15.50
CA ALA C 183 6.95 -14.47 16.84
C ALA C 183 8.26 -13.63 16.83
N LEU C 184 9.26 -14.06 16.03
CA LEU C 184 10.54 -13.36 15.86
C LEU C 184 10.35 -11.94 15.34
N ASP C 185 9.44 -11.77 14.37
CA ASP C 185 9.12 -10.47 13.79
C ASP C 185 8.50 -9.56 14.86
N GLY C 186 7.46 -10.06 15.55
CA GLY C 186 6.82 -9.31 16.61
C GLY C 186 7.80 -8.89 17.71
N PHE C 187 8.61 -9.83 18.19
CA PHE C 187 9.55 -9.56 19.26
C PHE C 187 10.67 -8.61 18.86
N PHE C 188 11.42 -8.95 17.82
CA PHE C 188 12.56 -8.15 17.38
C PHE C 188 12.21 -6.79 16.78
N SER C 189 11.03 -6.67 16.16
CA SER C 189 10.59 -5.39 15.60
C SER C 189 10.15 -4.44 16.73
N SER C 190 9.65 -5.00 17.84
CA SER C 190 9.25 -4.23 19.02
C SER C 190 10.50 -3.67 19.73
N ILE C 191 11.50 -4.55 20.01
CA ILE C 191 12.76 -4.13 20.64
C ILE C 191 13.58 -3.17 19.78
N ARG C 192 13.45 -3.25 18.45
CA ARG C 192 14.11 -2.31 17.52
C ARG C 192 13.63 -0.89 17.81
N LYS C 193 12.30 -0.72 18.02
CA LYS C 193 11.69 0.57 18.32
C LYS C 193 12.13 1.05 19.70
N GLU C 194 12.25 0.12 20.67
CA GLU C 194 12.70 0.41 22.02
C GLU C 194 14.14 0.90 22.01
N TYR C 195 15.03 0.21 21.27
CA TYR C 195 16.45 0.58 21.14
C TYR C 195 16.63 1.97 20.53
N SER C 196 15.79 2.29 19.56
CA SER C 196 15.76 3.56 18.85
C SER C 196 15.53 4.75 19.79
N VAL C 197 14.56 4.64 20.71
CA VAL C 197 14.26 5.70 21.67
C VAL C 197 15.21 5.73 22.87
N SER C 198 15.83 4.59 23.20
CA SER C 198 16.75 4.40 24.32
C SER C 198 18.18 4.70 23.94
N ARG C 199 18.44 5.01 22.65
CA ARG C 199 19.78 5.25 22.08
C ARG C 199 20.70 4.01 22.27
N VAL C 200 20.13 2.80 22.07
CA VAL C 200 20.88 1.54 22.12
C VAL C 200 21.25 1.33 20.66
N ASN C 201 22.52 1.61 20.33
CA ASN C 201 23.02 1.54 18.96
C ASN C 201 23.34 0.12 18.50
N VAL C 202 22.35 -0.78 18.60
CA VAL C 202 22.45 -2.17 18.19
C VAL C 202 21.42 -2.40 17.10
N SER C 203 21.89 -2.66 15.85
CA SER C 203 20.98 -2.88 14.73
C SER C 203 20.37 -4.30 14.80
N ILE C 204 19.16 -4.45 14.25
CA ILE C 204 18.42 -5.73 14.20
C ILE C 204 17.98 -5.96 12.75
N THR C 205 18.54 -7.01 12.12
CA THR C 205 18.24 -7.40 10.74
C THR C 205 17.41 -8.69 10.75
N LEU C 206 16.14 -8.61 10.26
CA LEU C 206 15.26 -9.76 10.12
C LEU C 206 15.38 -10.21 8.64
N CYS C 207 15.87 -11.44 8.43
CA CYS C 207 16.06 -11.97 7.06
C CYS C 207 14.91 -12.86 6.66
N VAL C 208 14.19 -12.47 5.64
CA VAL C 208 13.00 -13.15 5.10
C VAL C 208 13.47 -13.96 3.90
N LEU C 209 13.65 -15.26 4.08
CA LEU C 209 14.15 -16.15 3.05
C LEU C 209 13.10 -17.06 2.44
N GLY C 210 13.17 -17.22 1.11
CA GLY C 210 12.37 -18.19 0.37
C GLY C 210 13.06 -19.54 0.39
N LEU C 211 12.67 -20.48 -0.50
CA LEU C 211 13.27 -21.80 -0.59
C LEU C 211 14.77 -21.71 -0.94
N ILE C 212 15.62 -22.35 -0.10
CA ILE C 212 17.08 -22.39 -0.25
C ILE C 212 17.51 -23.84 -0.40
N ASP C 213 18.43 -24.11 -1.34
CA ASP C 213 18.90 -25.48 -1.67
C ASP C 213 19.71 -26.24 -0.61
N THR C 214 19.38 -26.07 0.68
CA THR C 214 20.11 -26.83 1.70
C THR C 214 19.65 -28.29 1.64
N GLU C 215 20.53 -29.24 1.95
CA GLU C 215 20.27 -30.68 1.97
C GLU C 215 18.99 -30.98 2.76
N THR C 216 18.90 -30.45 3.99
CA THR C 216 17.79 -30.64 4.91
C THR C 216 16.46 -30.10 4.37
N ALA C 217 16.48 -28.88 3.78
CA ALA C 217 15.26 -28.27 3.26
C ALA C 217 14.79 -29.02 2.02
N MET C 218 15.73 -29.43 1.15
CA MET C 218 15.43 -30.17 -0.07
C MET C 218 14.78 -31.49 0.23
N LYS C 219 15.24 -32.19 1.26
CA LYS C 219 14.67 -33.48 1.69
C LYS C 219 13.27 -33.26 2.27
N ALA C 220 13.10 -32.20 3.09
CA ALA C 220 11.82 -31.90 3.75
C ALA C 220 10.69 -31.60 2.74
N VAL C 221 11.03 -30.92 1.61
CA VAL C 221 10.10 -30.52 0.56
C VAL C 221 9.92 -31.54 -0.60
N SER C 222 10.78 -32.58 -0.67
CA SER C 222 10.76 -33.65 -1.69
C SER C 222 9.38 -34.34 -1.87
N GLY C 223 8.82 -34.23 -3.08
CA GLY C 223 7.52 -34.79 -3.44
C GLY C 223 6.32 -33.98 -2.96
N ILE C 224 6.59 -32.84 -2.29
CA ILE C 224 5.55 -31.96 -1.76
C ILE C 224 5.58 -30.63 -2.52
N VAL C 225 6.74 -30.00 -2.59
CA VAL C 225 6.96 -28.70 -3.23
C VAL C 225 7.76 -28.92 -4.52
N HIS C 226 7.31 -28.29 -5.61
CA HIS C 226 7.95 -28.35 -6.92
C HIS C 226 8.16 -26.90 -7.32
N MET C 227 9.29 -26.33 -6.88
CA MET C 227 9.67 -24.93 -7.12
C MET C 227 11.18 -24.75 -7.07
N GLN C 228 11.66 -23.62 -7.63
CA GLN C 228 13.06 -23.25 -7.71
C GLN C 228 13.65 -22.86 -6.34
N ALA C 229 14.71 -23.56 -5.96
CA ALA C 229 15.44 -23.32 -4.73
C ALA C 229 16.60 -22.38 -5.03
N ALA C 230 16.77 -21.35 -4.20
CA ALA C 230 17.83 -20.39 -4.35
C ALA C 230 19.16 -20.96 -3.79
N PRO C 231 20.34 -20.52 -4.27
CA PRO C 231 21.59 -21.12 -3.74
C PRO C 231 21.97 -20.62 -2.35
N LYS C 232 22.32 -21.57 -1.47
CA LYS C 232 22.70 -21.36 -0.07
C LYS C 232 23.91 -20.45 0.13
N GLU C 233 24.85 -20.46 -0.85
CA GLU C 233 26.07 -19.67 -0.81
C GLU C 233 25.73 -18.18 -0.90
N GLU C 234 24.92 -17.81 -1.90
CA GLU C 234 24.46 -16.44 -2.15
C GLU C 234 23.53 -15.98 -1.02
N CYS C 235 22.64 -16.87 -0.56
CA CYS C 235 21.73 -16.59 0.55
C CYS C 235 22.52 -16.14 1.79
N ALA C 236 23.54 -16.95 2.18
CA ALA C 236 24.42 -16.70 3.30
C ALA C 236 25.08 -15.32 3.22
N LEU C 237 25.54 -14.94 1.99
CA LEU C 237 26.18 -13.65 1.74
C LEU C 237 25.21 -12.48 1.91
N GLU C 238 23.99 -12.62 1.37
CA GLU C 238 22.94 -11.61 1.47
C GLU C 238 22.56 -11.30 2.92
N ILE C 239 22.57 -12.33 3.79
CA ILE C 239 22.28 -12.19 5.21
C ILE C 239 23.38 -11.37 5.88
N ILE C 240 24.66 -11.75 5.66
CA ILE C 240 25.85 -11.04 6.18
C ILE C 240 25.85 -9.58 5.71
N LYS C 241 25.57 -9.35 4.41
CA LYS C 241 25.52 -8.01 3.81
C LYS C 241 24.53 -7.13 4.55
N GLY C 242 23.32 -7.66 4.78
CA GLY C 242 22.25 -6.96 5.48
C GLY C 242 22.63 -6.56 6.89
N GLY C 243 23.26 -7.49 7.61
CA GLY C 243 23.76 -7.24 8.96
C GLY C 243 24.82 -6.16 8.98
N ALA C 244 25.82 -6.27 8.08
CA ALA C 244 26.91 -5.31 7.92
C ALA C 244 26.38 -3.91 7.58
N LEU C 245 25.36 -3.81 6.72
CA LEU C 245 24.74 -2.54 6.30
C LEU C 245 23.69 -2.04 7.28
N ARG C 246 23.43 -2.80 8.36
CA ARG C 246 22.48 -2.46 9.44
C ARG C 246 21.06 -2.25 8.88
N GLN C 247 20.71 -3.06 7.86
CA GLN C 247 19.40 -3.04 7.24
C GLN C 247 18.41 -3.68 8.21
N GLU C 248 17.20 -3.16 8.26
CA GLU C 248 16.17 -3.67 9.15
C GLU C 248 15.68 -5.01 8.66
N GLU C 249 15.52 -5.15 7.34
CA GLU C 249 15.03 -6.38 6.74
C GLU C 249 15.78 -6.72 5.46
N VAL C 250 16.03 -8.04 5.27
CA VAL C 250 16.61 -8.61 4.05
C VAL C 250 15.54 -9.52 3.47
N TYR C 251 15.32 -9.43 2.17
CA TYR C 251 14.38 -10.28 1.43
C TYR C 251 15.17 -11.03 0.38
N TYR C 252 15.12 -12.37 0.44
CA TYR C 252 15.86 -13.21 -0.50
C TYR C 252 15.03 -14.40 -0.96
N ASP C 253 14.70 -14.42 -2.27
CA ASP C 253 13.91 -15.47 -2.90
C ASP C 253 14.20 -15.57 -4.41
N SER C 254 13.99 -16.78 -5.00
CA SER C 254 14.15 -17.08 -6.43
C SER C 254 13.21 -16.28 -7.33
N SER C 255 11.94 -16.12 -6.91
CA SER C 255 10.89 -15.46 -7.70
C SER C 255 10.90 -13.95 -7.67
N ARG C 256 10.74 -13.34 -8.85
CA ARG C 256 10.65 -11.89 -9.03
C ARG C 256 9.32 -11.35 -8.51
N TRP C 257 8.24 -12.13 -8.63
CA TRP C 257 6.87 -11.84 -8.18
C TRP C 257 6.81 -11.81 -6.65
N THR C 258 7.64 -12.65 -6.00
CA THR C 258 7.76 -12.76 -4.57
C THR C 258 8.52 -11.57 -4.03
N THR C 259 9.66 -11.23 -4.63
CA THR C 259 10.43 -10.06 -4.18
C THR C 259 9.63 -8.77 -4.34
N LEU C 260 8.71 -8.72 -5.32
CA LEU C 260 7.83 -7.58 -5.59
C LEU C 260 6.72 -7.42 -4.54
N LEU C 261 6.13 -8.52 -4.08
CA LEU C 261 4.97 -8.51 -3.19
C LEU C 261 5.20 -8.73 -1.68
N ILE C 262 6.36 -9.27 -1.31
CA ILE C 262 6.70 -9.61 0.07
C ILE C 262 6.77 -8.43 1.05
N ARG C 263 7.19 -7.27 0.59
CA ARG C 263 7.32 -6.03 1.36
C ARG C 263 5.96 -5.47 1.75
N ASN C 264 5.87 -4.91 2.96
CA ASN C 264 4.65 -4.29 3.46
C ASN C 264 4.94 -2.79 3.76
N PRO C 265 4.89 -1.93 2.72
CA PRO C 265 5.13 -0.48 2.96
C PRO C 265 4.08 0.16 3.87
N CYS C 266 2.83 -0.37 3.83
CA CYS C 266 1.73 0.09 4.68
C CYS C 266 1.97 -0.11 6.17
N ARG C 267 2.67 -1.21 6.53
CA ARG C 267 3.01 -1.49 7.93
C ARG C 267 3.93 -0.40 8.47
N LYS C 268 4.97 -0.02 7.70
CA LYS C 268 5.95 1.01 8.05
C LYS C 268 5.26 2.38 8.22
N ILE C 269 4.33 2.72 7.29
CA ILE C 269 3.55 3.97 7.34
C ILE C 269 2.69 3.98 8.61
N LEU C 270 1.91 2.89 8.85
CA LEU C 270 1.07 2.75 10.03
C LEU C 270 1.84 2.91 11.33
N GLU C 271 3.01 2.24 11.47
CA GLU C 271 3.89 2.33 12.65
C GLU C 271 4.28 3.78 12.98
N GLU C 272 4.63 4.57 11.94
CA GLU C 272 5.00 5.97 12.01
C GLU C 272 3.82 6.85 12.43
N LEU C 273 2.61 6.55 11.91
CA LEU C 273 1.40 7.27 12.26
C LEU C 273 0.98 7.00 13.74
N TYR C 274 1.23 5.78 14.28
CA TYR C 274 0.91 5.45 15.67
C TYR C 274 1.97 5.95 16.64
N SER C 275 3.21 6.17 16.17
CA SER C 275 4.34 6.63 16.99
C SER C 275 4.10 7.94 17.75
N THR C 276 3.16 8.77 17.24
CA THR C 276 2.78 10.07 17.80
C THR C 276 1.63 9.92 18.81
N SER C 277 0.94 8.76 18.81
CA SER C 277 -0.20 8.49 19.67
C SER C 277 0.13 7.95 21.08
N TYR C 278 1.43 7.78 21.41
CA TYR C 278 1.86 7.30 22.73
C TYR C 278 3.02 8.08 23.33
N GLU D 20 -24.57 -10.33 5.44
CA GLU D 20 -25.02 -9.39 6.47
C GLU D 20 -25.45 -10.12 7.75
N PHE D 21 -24.90 -9.66 8.90
CA PHE D 21 -25.15 -10.24 10.22
C PHE D 21 -26.56 -10.02 10.73
N ARG D 22 -27.09 -11.04 11.42
CA ARG D 22 -28.39 -11.02 12.07
C ARG D 22 -28.22 -11.66 13.49
N PRO D 23 -28.66 -11.03 14.62
CA PRO D 23 -28.45 -11.65 15.96
C PRO D 23 -28.97 -13.07 16.09
N GLU D 24 -29.92 -13.43 15.21
CA GLU D 24 -30.60 -14.71 15.05
C GLU D 24 -29.59 -15.83 14.74
N MET D 25 -28.47 -15.49 14.07
CA MET D 25 -27.40 -16.43 13.70
C MET D 25 -26.77 -17.13 14.92
N LEU D 26 -26.83 -16.51 16.12
CA LEU D 26 -26.30 -17.06 17.36
C LEU D 26 -27.35 -17.74 18.25
N GLN D 27 -28.65 -17.61 17.89
CA GLN D 27 -29.74 -18.21 18.67
C GLN D 27 -29.57 -19.73 18.73
N GLY D 28 -29.42 -20.25 19.94
CA GLY D 28 -29.25 -21.68 20.18
C GLY D 28 -27.87 -22.24 19.89
N LYS D 29 -26.90 -21.36 19.55
CA LYS D 29 -25.54 -21.79 19.27
C LYS D 29 -24.80 -22.06 20.55
N LYS D 30 -23.91 -23.05 20.52
CA LYS D 30 -23.11 -23.49 21.67
C LYS D 30 -21.74 -22.83 21.57
N VAL D 31 -21.50 -21.84 22.46
CA VAL D 31 -20.32 -20.99 22.44
C VAL D 31 -19.49 -21.03 23.72
N ILE D 32 -18.16 -21.16 23.55
CA ILE D 32 -17.16 -21.05 24.61
C ILE D 32 -16.56 -19.63 24.48
N VAL D 33 -16.41 -18.92 25.61
CA VAL D 33 -15.76 -17.60 25.66
C VAL D 33 -14.70 -17.71 26.75
N THR D 34 -13.42 -17.53 26.38
CA THR D 34 -12.33 -17.58 27.37
C THR D 34 -12.08 -16.14 27.78
N GLY D 35 -11.42 -15.96 28.94
CA GLY D 35 -11.15 -14.64 29.49
C GLY D 35 -12.40 -13.80 29.57
N ALA D 36 -13.49 -14.42 30.04
CA ALA D 36 -14.83 -13.86 30.06
C ALA D 36 -15.32 -13.33 31.42
N SER D 37 -14.42 -13.21 32.42
CA SER D 37 -14.79 -12.65 33.73
C SER D 37 -14.83 -11.11 33.68
N LYS D 38 -14.11 -10.50 32.71
CA LYS D 38 -14.04 -9.06 32.53
C LYS D 38 -13.73 -8.65 31.09
N GLY D 39 -13.72 -7.34 30.86
CA GLY D 39 -13.39 -6.71 29.59
C GLY D 39 -14.20 -7.13 28.39
N ILE D 40 -13.51 -7.34 27.26
CA ILE D 40 -14.11 -7.71 25.99
C ILE D 40 -14.83 -9.07 26.10
N GLY D 41 -14.17 -10.04 26.76
CA GLY D 41 -14.70 -11.38 26.99
C GLY D 41 -16.06 -11.37 27.65
N ARG D 42 -16.20 -10.59 28.76
CA ARG D 42 -17.45 -10.43 29.49
C ARG D 42 -18.53 -9.80 28.58
N GLU D 43 -18.16 -8.79 27.78
CA GLU D 43 -19.07 -8.13 26.84
C GLU D 43 -19.60 -9.09 25.80
N MET D 44 -18.72 -10.00 25.31
CA MET D 44 -19.08 -11.03 24.32
C MET D 44 -20.08 -12.00 24.91
N ALA D 45 -19.86 -12.46 26.17
CA ALA D 45 -20.76 -13.35 26.89
C ALA D 45 -22.17 -12.73 26.99
N TYR D 46 -22.23 -11.41 27.29
CA TYR D 46 -23.47 -10.63 27.42
C TYR D 46 -24.20 -10.50 26.09
N HIS D 47 -23.48 -10.21 24.99
CA HIS D 47 -24.08 -10.12 23.66
C HIS D 47 -24.67 -11.47 23.26
N LEU D 48 -23.92 -12.56 23.52
CA LEU D 48 -24.36 -13.93 23.19
C LEU D 48 -25.59 -14.33 23.98
N ALA D 49 -25.65 -13.93 25.26
CA ALA D 49 -26.78 -14.15 26.16
C ALA D 49 -28.04 -13.48 25.59
N LYS D 50 -27.94 -12.19 25.19
CA LYS D 50 -29.03 -11.42 24.57
C LYS D 50 -29.51 -12.09 23.27
N MET D 51 -28.59 -12.76 22.54
CA MET D 51 -28.88 -13.44 21.27
C MET D 51 -29.49 -14.83 21.46
N GLY D 52 -29.57 -15.29 22.70
CA GLY D 52 -30.14 -16.58 23.05
C GLY D 52 -29.24 -17.77 22.79
N ALA D 53 -27.91 -17.57 22.91
CA ALA D 53 -26.94 -18.64 22.68
C ALA D 53 -26.73 -19.39 23.97
N HIS D 54 -26.20 -20.62 23.88
CA HIS D 54 -25.79 -21.43 25.02
C HIS D 54 -24.35 -20.96 25.25
N VAL D 55 -24.02 -20.64 26.50
CA VAL D 55 -22.73 -20.06 26.84
C VAL D 55 -21.98 -20.81 27.94
N VAL D 56 -20.67 -21.01 27.75
CA VAL D 56 -19.76 -21.55 28.77
C VAL D 56 -18.60 -20.57 28.82
N VAL D 57 -18.46 -19.90 29.96
CA VAL D 57 -17.44 -18.87 30.18
C VAL D 57 -16.33 -19.38 31.08
N THR D 58 -15.11 -18.88 30.86
CA THR D 58 -13.95 -19.28 31.65
C THR D 58 -13.02 -18.11 31.91
N ALA D 59 -12.29 -18.20 33.03
CA ALA D 59 -11.27 -17.30 33.58
C ALA D 59 -10.85 -17.93 34.91
N ARG D 60 -9.94 -17.31 35.65
CA ARG D 60 -9.50 -17.91 36.92
C ARG D 60 -10.47 -17.64 38.08
N SER D 61 -11.11 -16.46 38.11
CA SER D 61 -11.98 -16.04 39.20
C SER D 61 -13.42 -16.58 39.18
N LYS D 62 -13.69 -17.61 40.01
CA LYS D 62 -15.01 -18.23 40.11
C LYS D 62 -16.11 -17.27 40.53
N GLU D 63 -15.81 -16.35 41.47
CA GLU D 63 -16.73 -15.35 42.00
C GLU D 63 -17.22 -14.37 40.95
N THR D 64 -16.30 -13.85 40.13
CA THR D 64 -16.63 -12.93 39.04
C THR D 64 -17.36 -13.69 37.93
N LEU D 65 -16.92 -14.93 37.65
CA LEU D 65 -17.56 -15.79 36.65
C LEU D 65 -19.03 -16.08 37.01
N GLN D 66 -19.31 -16.34 38.32
CA GLN D 66 -20.67 -16.56 38.86
C GLN D 66 -21.62 -15.40 38.52
N LYS D 67 -21.13 -14.15 38.66
CA LYS D 67 -21.87 -12.92 38.37
C LYS D 67 -22.16 -12.74 36.88
N VAL D 68 -21.18 -13.08 36.01
CA VAL D 68 -21.31 -13.03 34.55
C VAL D 68 -22.41 -14.03 34.14
N VAL D 69 -22.34 -15.27 34.67
CA VAL D 69 -23.30 -16.33 34.41
C VAL D 69 -24.72 -15.88 34.82
N SER D 70 -24.87 -15.38 36.07
CA SER D 70 -26.15 -14.88 36.60
C SER D 70 -26.73 -13.80 35.69
N HIS D 71 -25.89 -12.83 35.27
CA HIS D 71 -26.31 -11.78 34.36
C HIS D 71 -26.65 -12.31 32.96
N CYS D 72 -25.90 -13.32 32.46
CA CYS D 72 -26.16 -13.96 31.15
C CYS D 72 -27.57 -14.57 31.13
N LEU D 73 -27.94 -15.25 32.22
CA LEU D 73 -29.27 -15.84 32.38
C LEU D 73 -30.36 -14.75 32.39
N GLU D 74 -30.14 -13.61 33.10
CA GLU D 74 -31.06 -12.46 33.10
C GLU D 74 -31.24 -11.89 31.69
N LEU D 75 -30.15 -11.85 30.90
CA LEU D 75 -30.17 -11.30 29.53
C LEU D 75 -30.89 -12.17 28.51
N GLY D 76 -31.12 -13.44 28.84
CA GLY D 76 -31.84 -14.36 27.97
C GLY D 76 -31.02 -15.45 27.31
N ALA D 77 -29.92 -15.88 27.97
CA ALA D 77 -29.06 -16.96 27.45
C ALA D 77 -29.84 -18.27 27.53
N ALA D 78 -29.81 -19.10 26.46
CA ALA D 78 -30.48 -20.41 26.40
C ALA D 78 -30.01 -21.28 27.57
N SER D 79 -28.74 -21.12 27.98
CA SER D 79 -28.07 -21.75 29.12
C SER D 79 -26.78 -21.00 29.36
N ALA D 80 -26.27 -21.04 30.60
CA ALA D 80 -25.06 -20.33 30.97
C ALA D 80 -24.33 -21.04 32.10
N HIS D 81 -23.07 -21.44 31.84
CA HIS D 81 -22.21 -22.10 32.81
C HIS D 81 -20.84 -21.45 32.85
N TYR D 82 -20.10 -21.71 33.92
CA TYR D 82 -18.72 -21.28 34.05
C TYR D 82 -17.89 -22.45 34.55
N ILE D 83 -16.61 -22.47 34.18
CA ILE D 83 -15.61 -23.44 34.66
C ILE D 83 -14.39 -22.58 34.94
N ALA D 84 -14.00 -22.45 36.21
CA ALA D 84 -12.84 -21.64 36.60
C ALA D 84 -11.53 -22.40 36.58
N GLY D 85 -10.49 -21.74 36.07
CA GLY D 85 -9.16 -22.31 35.99
C GLY D 85 -8.16 -21.43 35.27
N THR D 86 -6.89 -21.79 35.38
CA THR D 86 -5.80 -21.07 34.74
C THR D 86 -5.39 -21.67 33.42
N MET D 87 -5.23 -20.82 32.42
CA MET D 87 -4.79 -21.24 31.09
C MET D 87 -3.28 -21.46 30.99
N GLU D 88 -2.57 -21.34 32.13
CA GLU D 88 -1.14 -21.70 32.28
C GLU D 88 -1.05 -23.23 32.31
N ASP D 89 -2.14 -23.88 32.74
CA ASP D 89 -2.27 -25.32 32.89
C ASP D 89 -2.93 -25.88 31.62
N MET D 90 -2.11 -26.55 30.78
CA MET D 90 -2.53 -27.16 29.53
C MET D 90 -3.53 -28.33 29.73
N THR D 91 -3.46 -29.00 30.90
CA THR D 91 -4.39 -30.08 31.26
C THR D 91 -5.76 -29.47 31.53
N PHE D 92 -5.81 -28.34 32.25
CA PHE D 92 -7.06 -27.62 32.49
C PHE D 92 -7.68 -27.20 31.17
N ALA D 93 -6.90 -26.58 30.26
CA ALA D 93 -7.39 -26.10 28.94
C ALA D 93 -8.02 -27.21 28.13
N GLU D 94 -7.37 -28.40 28.12
CA GLU D 94 -7.86 -29.58 27.41
C GLU D 94 -9.14 -30.15 28.07
N GLN D 95 -9.15 -30.30 29.40
CA GLN D 95 -10.31 -30.84 30.14
C GLN D 95 -11.48 -29.88 30.13
N PHE D 96 -11.20 -28.56 30.14
CA PHE D 96 -12.24 -27.51 30.10
C PHE D 96 -13.13 -27.67 28.86
N VAL D 97 -12.50 -27.84 27.67
CA VAL D 97 -13.23 -28.00 26.41
C VAL D 97 -14.19 -29.21 26.41
N ALA D 98 -13.75 -30.36 26.95
CA ALA D 98 -14.53 -31.60 27.04
C ALA D 98 -15.75 -31.38 27.94
N GLN D 99 -15.55 -30.76 29.13
CA GLN D 99 -16.61 -30.44 30.09
C GLN D 99 -17.60 -29.43 29.54
N ALA D 100 -17.11 -28.39 28.86
CA ALA D 100 -17.94 -27.36 28.23
C ALA D 100 -18.81 -27.96 27.12
N GLY D 101 -18.23 -28.86 26.32
CA GLY D 101 -18.93 -29.58 25.25
C GLY D 101 -20.00 -30.53 25.78
N LYS D 102 -19.66 -31.25 26.88
CA LYS D 102 -20.55 -32.17 27.61
C LYS D 102 -21.76 -31.38 28.19
N LEU D 103 -21.51 -30.18 28.76
CA LEU D 103 -22.51 -29.26 29.30
C LEU D 103 -23.54 -28.84 28.24
N MET D 104 -23.06 -28.48 27.04
CA MET D 104 -23.93 -27.97 25.97
C MET D 104 -24.43 -29.02 24.98
N GLY D 105 -23.79 -30.18 24.96
CA GLY D 105 -24.08 -31.25 24.00
C GLY D 105 -23.53 -30.89 22.64
N GLY D 106 -22.29 -30.36 22.64
CA GLY D 106 -21.60 -29.95 21.43
C GLY D 106 -20.98 -28.56 21.49
N LEU D 107 -20.48 -28.10 20.34
CA LEU D 107 -19.81 -26.79 20.23
C LEU D 107 -19.91 -26.25 18.82
N ASP D 108 -20.34 -25.00 18.71
CA ASP D 108 -20.47 -24.29 17.44
C ASP D 108 -19.39 -23.21 17.27
N MET D 109 -18.99 -22.55 18.36
CA MET D 109 -18.03 -21.45 18.30
C MET D 109 -17.11 -21.43 19.52
N LEU D 110 -15.81 -21.35 19.26
CA LEU D 110 -14.75 -21.31 20.25
C LEU D 110 -14.13 -19.91 20.21
N ILE D 111 -14.40 -19.09 21.21
CA ILE D 111 -13.86 -17.72 21.30
C ILE D 111 -12.66 -17.67 22.23
N LEU D 112 -11.46 -17.54 21.64
CA LEU D 112 -10.18 -17.53 22.35
C LEU D 112 -9.76 -16.10 22.55
N ASN D 113 -9.88 -15.62 23.80
CA ASN D 113 -9.75 -14.21 24.15
C ASN D 113 -8.80 -13.90 25.31
N HIS D 114 -8.62 -14.83 26.26
CA HIS D 114 -7.75 -14.62 27.43
C HIS D 114 -6.28 -14.31 27.06
N ILE D 115 -5.62 -13.58 27.95
CA ILE D 115 -4.19 -13.24 27.86
C ILE D 115 -3.60 -13.28 29.26
N THR D 116 -2.28 -13.42 29.36
CA THR D 116 -1.62 -13.35 30.67
C THR D 116 -1.51 -11.86 31.02
N ASN D 117 -1.40 -11.52 32.31
CA ASN D 117 -1.26 -10.12 32.76
C ASN D 117 0.02 -9.51 32.18
N THR D 118 -0.11 -8.36 31.55
CA THR D 118 1.02 -7.67 30.92
C THR D 118 0.91 -6.17 31.09
N SER D 119 2.06 -5.51 31.19
CA SER D 119 2.08 -4.06 31.31
C SER D 119 2.95 -3.49 30.20
N LEU D 120 2.85 -2.19 29.93
CA LEU D 120 3.70 -1.59 28.91
C LEU D 120 5.03 -1.25 29.58
N ASN D 121 6.12 -1.89 29.13
CA ASN D 121 7.48 -1.73 29.65
C ASN D 121 8.49 -2.14 28.58
N LEU D 122 9.69 -1.58 28.64
CA LEU D 122 10.79 -1.90 27.77
C LEU D 122 11.24 -3.33 28.10
N PHE D 123 11.82 -4.02 27.13
CA PHE D 123 12.30 -5.35 27.38
C PHE D 123 13.73 -5.30 27.82
N HIS D 124 14.02 -6.01 28.92
CA HIS D 124 15.38 -6.12 29.44
C HIS D 124 15.81 -7.57 29.53
N ASP D 125 15.29 -8.34 30.49
CA ASP D 125 15.74 -9.72 30.70
C ASP D 125 14.64 -10.64 31.24
N ASP D 126 13.39 -10.17 31.25
CA ASP D 126 12.28 -10.99 31.78
C ASP D 126 11.86 -12.10 30.81
N ILE D 127 12.68 -13.15 30.75
CA ILE D 127 12.45 -14.33 29.92
C ILE D 127 11.26 -15.13 30.42
N HIS D 128 10.99 -15.08 31.75
CA HIS D 128 9.85 -15.75 32.36
C HIS D 128 8.56 -15.18 31.83
N HIS D 129 8.48 -13.85 31.66
CA HIS D 129 7.30 -13.17 31.08
C HIS D 129 7.18 -13.48 29.59
N VAL D 130 8.30 -13.60 28.86
CA VAL D 130 8.28 -13.95 27.42
C VAL D 130 7.69 -15.36 27.25
N ARG D 131 8.17 -16.32 28.08
CA ARG D 131 7.71 -17.72 28.06
C ARG D 131 6.24 -17.83 28.47
N LYS D 132 5.84 -17.20 29.57
CA LYS D 132 4.45 -17.19 30.08
C LYS D 132 3.49 -16.58 29.05
N SER D 133 3.92 -15.48 28.37
CA SER D 133 3.13 -14.86 27.30
C SER D 133 2.92 -15.86 26.16
N MET D 134 3.98 -16.58 25.76
CA MET D 134 3.86 -17.58 24.71
C MET D 134 2.95 -18.73 25.13
N GLU D 135 3.09 -19.21 26.38
CA GLU D 135 2.29 -20.30 26.95
C GLU D 135 0.81 -19.96 27.05
N VAL D 136 0.47 -18.85 27.71
CA VAL D 136 -0.93 -18.43 27.94
C VAL D 136 -1.60 -17.87 26.69
N ASN D 137 -0.97 -16.88 26.03
CA ASN D 137 -1.55 -16.19 24.87
C ASN D 137 -1.54 -16.96 23.56
N PHE D 138 -0.67 -17.98 23.45
CA PHE D 138 -0.53 -18.71 22.22
C PHE D 138 -0.72 -20.21 22.34
N LEU D 139 0.13 -20.88 23.14
CA LEU D 139 0.08 -22.33 23.30
C LEU D 139 -1.24 -22.89 23.81
N SER D 140 -1.87 -22.21 24.80
CA SER D 140 -3.16 -22.64 25.35
C SER D 140 -4.24 -22.55 24.27
N TYR D 141 -4.14 -21.56 23.35
CA TYR D 141 -5.08 -21.39 22.23
C TYR D 141 -5.02 -22.59 21.31
N VAL D 142 -3.80 -23.11 21.06
CA VAL D 142 -3.53 -24.32 20.24
C VAL D 142 -4.12 -25.54 20.96
N VAL D 143 -3.85 -25.70 22.27
CA VAL D 143 -4.38 -26.81 23.10
C VAL D 143 -5.92 -26.81 23.07
N LEU D 144 -6.52 -25.62 23.22
CA LEU D 144 -7.98 -25.44 23.20
C LEU D 144 -8.57 -25.82 21.84
N THR D 145 -7.92 -25.41 20.75
CA THR D 145 -8.30 -25.72 19.37
C THR D 145 -8.28 -27.24 19.13
N VAL D 146 -7.18 -27.91 19.54
CA VAL D 146 -7.02 -29.37 19.38
C VAL D 146 -8.16 -30.10 20.09
N ALA D 147 -8.48 -29.68 21.33
CA ALA D 147 -9.53 -30.27 22.17
C ALA D 147 -10.91 -30.04 21.59
N ALA D 148 -11.13 -28.86 20.98
CA ALA D 148 -12.42 -28.43 20.40
C ALA D 148 -12.71 -28.91 18.99
N LEU D 149 -11.66 -29.18 18.18
CA LEU D 149 -11.82 -29.56 16.76
C LEU D 149 -12.80 -30.69 16.42
N PRO D 150 -12.76 -31.89 17.08
CA PRO D 150 -13.77 -32.94 16.75
C PRO D 150 -15.21 -32.43 16.83
N MET D 151 -15.56 -31.66 17.88
CA MET D 151 -16.92 -31.07 18.03
C MET D 151 -17.20 -30.01 16.97
N LEU D 152 -16.20 -29.15 16.68
CA LEU D 152 -16.33 -28.11 15.67
C LEU D 152 -16.47 -28.67 14.24
N LYS D 153 -15.83 -29.82 13.94
CA LYS D 153 -15.95 -30.49 12.64
C LYS D 153 -17.38 -31.04 12.48
N GLN D 154 -17.94 -31.59 13.56
CA GLN D 154 -19.30 -32.14 13.64
C GLN D 154 -20.38 -31.07 13.34
N SER D 155 -20.16 -29.84 13.81
CA SER D 155 -21.09 -28.72 13.66
C SER D 155 -20.74 -27.77 12.53
N ASN D 156 -19.57 -27.98 11.85
CA ASN D 156 -19.04 -27.08 10.82
C ASN D 156 -18.93 -25.70 11.46
N GLY D 157 -18.38 -25.73 12.68
CA GLY D 157 -18.23 -24.58 13.57
C GLY D 157 -17.19 -23.56 13.23
N SER D 158 -16.85 -22.73 14.24
CA SER D 158 -15.95 -21.59 14.09
C SER D 158 -14.98 -21.39 15.24
N ILE D 159 -13.76 -20.96 14.91
CA ILE D 159 -12.73 -20.60 15.88
C ILE D 159 -12.55 -19.10 15.72
N VAL D 160 -12.63 -18.37 16.86
CA VAL D 160 -12.46 -16.93 16.87
C VAL D 160 -11.26 -16.64 17.74
N VAL D 161 -10.22 -16.02 17.15
CA VAL D 161 -8.95 -15.71 17.80
C VAL D 161 -8.81 -14.22 17.99
N VAL D 162 -8.77 -13.79 19.25
CA VAL D 162 -8.67 -12.36 19.57
C VAL D 162 -7.20 -11.93 19.59
N SER D 163 -6.84 -11.04 18.66
CA SER D 163 -5.49 -10.52 18.52
C SER D 163 -5.48 -8.98 18.69
N SER D 164 -4.49 -8.30 18.09
CA SER D 164 -4.31 -6.86 18.26
C SER D 164 -3.64 -6.30 17.04
N LEU D 165 -3.58 -4.95 16.94
CA LEU D 165 -2.80 -4.23 15.92
C LEU D 165 -1.33 -4.61 16.12
N ALA D 166 -0.93 -4.80 17.41
CA ALA D 166 0.40 -5.24 17.85
C ALA D 166 0.68 -6.71 17.43
N GLY D 167 -0.29 -7.36 16.79
CA GLY D 167 -0.15 -8.70 16.24
C GLY D 167 -0.08 -8.65 14.73
N LYS D 168 0.05 -7.42 14.16
CA LYS D 168 0.15 -7.14 12.72
C LYS D 168 1.27 -6.16 12.41
N VAL D 169 1.48 -5.19 13.29
CA VAL D 169 2.53 -4.17 13.14
C VAL D 169 3.29 -4.10 14.46
N ALA D 170 4.51 -3.53 14.44
CA ALA D 170 5.34 -3.41 15.63
C ALA D 170 5.08 -2.17 16.48
N TYR D 171 5.17 -2.39 17.78
CA TYR D 171 4.99 -1.36 18.79
C TYR D 171 6.07 -1.58 19.82
N PRO D 172 6.64 -0.50 20.40
CA PRO D 172 7.57 -0.71 21.52
C PRO D 172 6.76 -0.99 22.78
N MET D 173 7.40 -1.48 23.86
CA MET D 173 6.77 -1.69 25.18
C MET D 173 5.90 -2.93 25.35
N VAL D 174 5.70 -3.70 24.27
CA VAL D 174 4.88 -4.92 24.26
C VAL D 174 5.56 -6.07 23.49
N ALA D 175 6.91 -6.18 23.58
CA ALA D 175 7.65 -7.22 22.85
C ALA D 175 7.16 -8.67 23.04
N ALA D 176 7.04 -9.15 24.29
CA ALA D 176 6.58 -10.52 24.63
C ALA D 176 5.14 -10.72 24.14
N TYR D 177 4.27 -9.75 24.46
CA TYR D 177 2.86 -9.76 24.09
C TYR D 177 2.70 -9.82 22.56
N SER D 178 3.42 -8.94 21.86
CA SER D 178 3.39 -8.80 20.41
C SER D 178 3.84 -10.09 19.70
N ALA D 179 4.93 -10.71 20.23
CA ALA D 179 5.47 -11.98 19.73
C ALA D 179 4.35 -13.05 19.80
N SER D 180 3.64 -13.13 20.94
CA SER D 180 2.55 -14.09 21.13
C SER D 180 1.39 -13.84 20.15
N LYS D 181 1.09 -12.56 19.85
CA LYS D 181 0.00 -12.19 18.92
C LYS D 181 0.35 -12.44 17.47
N PHE D 182 1.63 -12.18 17.10
CA PHE D 182 2.17 -12.50 15.77
C PHE D 182 2.14 -14.03 15.59
N ALA D 183 2.54 -14.81 16.63
CA ALA D 183 2.51 -16.29 16.61
C ALA D 183 1.11 -16.85 16.28
N LEU D 184 0.05 -16.23 16.82
CA LEU D 184 -1.34 -16.60 16.55
C LEU D 184 -1.68 -16.48 15.07
N ASP D 185 -1.23 -15.39 14.43
CA ASP D 185 -1.42 -15.15 12.99
C ASP D 185 -0.72 -16.25 12.19
N GLY D 186 0.55 -16.50 12.46
CA GLY D 186 1.31 -17.54 11.78
C GLY D 186 0.69 -18.91 11.93
N PHE D 187 0.32 -19.28 13.15
CA PHE D 187 -0.26 -20.58 13.41
C PHE D 187 -1.66 -20.77 12.80
N PHE D 188 -2.60 -19.90 13.16
CA PHE D 188 -3.97 -20.00 12.68
C PHE D 188 -4.16 -19.76 11.19
N SER D 189 -3.32 -18.90 10.58
CA SER D 189 -3.40 -18.65 9.14
C SER D 189 -2.90 -19.86 8.35
N SER D 190 -1.94 -20.62 8.93
CA SER D 190 -1.38 -21.83 8.34
C SER D 190 -2.44 -22.94 8.36
N ILE D 191 -3.05 -23.21 9.53
CA ILE D 191 -4.08 -24.23 9.67
C ILE D 191 -5.33 -23.92 8.88
N ARG D 192 -5.64 -22.62 8.64
CA ARG D 192 -6.79 -22.22 7.81
C ARG D 192 -6.60 -22.78 6.37
N LYS D 193 -5.37 -22.68 5.83
CA LYS D 193 -5.00 -23.19 4.51
C LYS D 193 -5.05 -24.71 4.48
N GLU D 194 -4.63 -25.35 5.57
CA GLU D 194 -4.66 -26.81 5.75
C GLU D 194 -6.10 -27.31 5.76
N TYR D 195 -7.00 -26.62 6.51
CA TYR D 195 -8.43 -26.97 6.61
C TYR D 195 -9.10 -26.90 5.26
N SER D 196 -8.76 -25.88 4.48
CA SER D 196 -9.27 -25.62 3.14
C SER D 196 -9.05 -26.82 2.18
N VAL D 197 -7.84 -27.40 2.20
CA VAL D 197 -7.51 -28.53 1.32
C VAL D 197 -7.96 -29.89 1.88
N SER D 198 -8.12 -29.98 3.21
CA SER D 198 -8.54 -31.19 3.94
C SER D 198 -10.06 -31.29 4.06
N ARG D 199 -10.79 -30.27 3.55
CA ARG D 199 -12.25 -30.17 3.62
C ARG D 199 -12.74 -30.14 5.09
N VAL D 200 -12.00 -29.44 5.96
CA VAL D 200 -12.36 -29.26 7.37
C VAL D 200 -13.14 -27.95 7.36
N ASN D 201 -14.47 -28.06 7.44
CA ASN D 201 -15.37 -26.90 7.36
C ASN D 201 -15.48 -26.14 8.68
N VAL D 202 -14.31 -25.73 9.22
CA VAL D 202 -14.19 -24.96 10.46
C VAL D 202 -13.57 -23.61 10.11
N SER D 203 -14.32 -22.52 10.26
CA SER D 203 -13.80 -21.19 9.95
C SER D 203 -12.88 -20.68 11.08
N ILE D 204 -11.92 -19.81 10.73
CA ILE D 204 -10.95 -19.21 11.65
C ILE D 204 -10.96 -17.71 11.43
N THR D 205 -11.41 -16.95 12.47
CA THR D 205 -11.49 -15.49 12.43
C THR D 205 -10.44 -14.92 13.36
N LEU D 206 -9.47 -14.17 12.79
CA LEU D 206 -8.42 -13.49 13.54
C LEU D 206 -8.88 -12.04 13.70
N CYS D 207 -9.09 -11.59 14.95
CA CYS D 207 -9.57 -10.24 15.23
C CYS D 207 -8.42 -9.30 15.59
N VAL D 208 -8.24 -8.24 14.80
CA VAL D 208 -7.12 -7.28 14.93
C VAL D 208 -7.69 -6.04 15.57
N LEU D 209 -7.52 -5.93 16.88
CA LEU D 209 -8.07 -4.85 17.69
C LEU D 209 -7.11 -3.76 18.06
N GLY D 210 -7.59 -2.53 18.02
CA GLY D 210 -6.86 -1.37 18.50
C GLY D 210 -7.16 -1.20 19.97
N LEU D 211 -6.84 -0.02 20.53
CA LEU D 211 -7.11 0.33 21.93
C LEU D 211 -8.59 0.29 22.21
N ILE D 212 -8.98 -0.47 23.23
CA ILE D 212 -10.35 -0.69 23.69
C ILE D 212 -10.42 -0.22 25.14
N ASP D 213 -11.52 0.47 25.51
CA ASP D 213 -11.72 1.06 26.85
C ASP D 213 -11.92 0.09 28.03
N THR D 214 -11.25 -1.07 28.03
CA THR D 214 -11.39 -1.97 29.17
C THR D 214 -10.61 -1.39 30.34
N GLU D 215 -11.07 -1.64 31.57
CA GLU D 215 -10.48 -1.17 32.82
C GLU D 215 -8.99 -1.46 32.85
N THR D 216 -8.61 -2.73 32.59
CA THR D 216 -7.24 -3.24 32.57
C THR D 216 -6.35 -2.54 31.52
N ALA D 217 -6.83 -2.40 30.29
CA ALA D 217 -6.09 -1.77 29.21
C ALA D 217 -5.90 -0.27 29.50
N MET D 218 -6.93 0.41 30.02
CA MET D 218 -6.89 1.84 30.37
C MET D 218 -5.88 2.15 31.44
N LYS D 219 -5.78 1.27 32.46
CA LYS D 219 -4.79 1.42 33.52
C LYS D 219 -3.39 1.19 32.96
N ALA D 220 -3.22 0.16 32.10
CA ALA D 220 -1.92 -0.19 31.52
C ALA D 220 -1.34 0.92 30.59
N VAL D 221 -2.20 1.73 29.92
CA VAL D 221 -1.79 2.79 28.99
C VAL D 221 -1.76 4.18 29.62
N SER D 222 -2.28 4.32 30.85
CA SER D 222 -2.35 5.58 31.60
C SER D 222 -1.00 6.33 31.67
N GLY D 223 -0.96 7.53 31.09
CA GLY D 223 0.24 8.35 31.03
C GLY D 223 1.25 7.95 29.96
N ILE D 224 0.96 6.87 29.21
CA ILE D 224 1.84 6.34 28.17
C ILE D 224 1.21 6.54 26.80
N VAL D 225 -0.04 6.12 26.65
CA VAL D 225 -0.78 6.15 25.39
C VAL D 225 -1.93 7.16 25.46
N HIS D 226 -1.92 8.17 24.57
CA HIS D 226 -3.01 9.15 24.56
C HIS D 226 -4.06 8.91 23.48
N MET D 227 -3.92 7.77 22.76
CA MET D 227 -4.82 7.30 21.69
C MET D 227 -6.29 7.28 22.16
N GLN D 228 -7.21 7.44 21.21
CA GLN D 228 -8.64 7.33 21.48
C GLN D 228 -8.96 5.82 21.66
N ALA D 229 -9.65 5.48 22.77
CA ALA D 229 -10.06 4.12 23.09
C ALA D 229 -11.44 3.87 22.54
N ALA D 230 -11.60 2.73 21.84
CA ALA D 230 -12.87 2.32 21.25
C ALA D 230 -13.74 1.64 22.32
N PRO D 231 -15.10 1.67 22.20
CA PRO D 231 -15.93 1.04 23.25
C PRO D 231 -15.94 -0.50 23.20
N LYS D 232 -15.73 -1.12 24.37
CA LYS D 232 -15.68 -2.57 24.58
C LYS D 232 -16.95 -3.32 24.17
N GLU D 233 -18.13 -2.66 24.29
CA GLU D 233 -19.43 -3.24 23.96
C GLU D 233 -19.49 -3.50 22.47
N GLU D 234 -19.15 -2.46 21.65
CA GLU D 234 -19.17 -2.51 20.19
C GLU D 234 -18.08 -3.48 19.70
N CYS D 235 -16.91 -3.42 20.34
CA CYS D 235 -15.78 -4.31 20.02
C CYS D 235 -16.21 -5.77 20.11
N ALA D 236 -16.81 -6.14 21.25
CA ALA D 236 -17.32 -7.48 21.53
C ALA D 236 -18.29 -7.96 20.44
N LEU D 237 -19.18 -7.07 19.97
CA LEU D 237 -20.17 -7.37 18.94
C LEU D 237 -19.50 -7.62 17.59
N GLU D 238 -18.54 -6.76 17.21
CA GLU D 238 -17.80 -6.88 15.96
C GLU D 238 -17.03 -8.19 15.84
N ILE D 239 -16.52 -8.70 16.98
CA ILE D 239 -15.81 -9.99 17.05
C ILE D 239 -16.79 -11.13 16.75
N ILE D 240 -17.96 -11.14 17.47
CA ILE D 240 -19.03 -12.12 17.31
C ILE D 240 -19.54 -12.12 15.86
N LYS D 241 -19.78 -10.91 15.30
CA LYS D 241 -20.23 -10.72 13.91
C LYS D 241 -19.29 -11.41 12.92
N GLY D 242 -17.99 -11.16 13.08
CA GLY D 242 -16.95 -11.74 12.23
C GLY D 242 -16.93 -13.25 12.27
N GLY D 243 -17.06 -13.81 13.46
CA GLY D 243 -17.12 -15.26 13.68
C GLY D 243 -18.34 -15.88 13.03
N ALA D 244 -19.51 -15.26 13.27
CA ALA D 244 -20.80 -15.67 12.70
C ALA D 244 -20.77 -15.63 11.18
N LEU D 245 -20.13 -14.59 10.57
CA LEU D 245 -20.02 -14.43 9.11
C LEU D 245 -18.88 -15.24 8.50
N ARG D 246 -18.10 -15.95 9.35
CA ARG D 246 -16.97 -16.80 8.95
C ARG D 246 -15.89 -16.00 8.21
N GLN D 247 -15.73 -14.70 8.61
CA GLN D 247 -14.73 -13.81 8.04
C GLN D 247 -13.36 -14.28 8.52
N GLU D 248 -12.37 -14.20 7.65
CA GLU D 248 -11.02 -14.61 7.99
C GLU D 248 -10.39 -13.64 8.97
N GLU D 249 -10.64 -12.33 8.77
CA GLU D 249 -10.09 -11.30 9.63
C GLU D 249 -11.10 -10.19 9.94
N VAL D 250 -11.07 -9.70 11.19
CA VAL D 250 -11.88 -8.57 11.67
C VAL D 250 -10.86 -7.51 12.06
N TYR D 251 -11.14 -6.27 11.69
CA TYR D 251 -10.31 -5.13 12.01
C TYR D 251 -11.17 -4.15 12.77
N TYR D 252 -10.80 -3.84 14.01
CA TYR D 252 -11.59 -2.92 14.83
C TYR D 252 -10.69 -1.93 15.57
N ASP D 253 -10.80 -0.66 15.19
CA ASP D 253 -10.03 0.44 15.78
C ASP D 253 -10.77 1.77 15.63
N SER D 254 -10.49 2.72 16.56
CA SER D 254 -11.02 4.09 16.58
C SER D 254 -10.66 4.88 15.34
N SER D 255 -9.39 4.77 14.89
CA SER D 255 -8.84 5.51 13.75
C SER D 255 -9.26 5.01 12.38
N ARG D 256 -9.60 5.97 11.51
CA ARG D 256 -9.99 5.70 10.12
C ARG D 256 -8.78 5.30 9.29
N TRP D 257 -7.55 5.73 9.68
CA TRP D 257 -6.34 5.33 8.95
C TRP D 257 -5.99 3.88 9.15
N THR D 258 -6.32 3.32 10.34
CA THR D 258 -6.09 1.92 10.67
C THR D 258 -6.79 1.06 9.66
N THR D 259 -8.13 1.17 9.57
CA THR D 259 -8.99 0.43 8.62
C THR D 259 -8.43 0.49 7.20
N LEU D 260 -8.16 1.72 6.72
CA LEU D 260 -7.53 2.07 5.45
C LEU D 260 -6.17 1.40 5.21
N LEU D 261 -5.29 1.29 6.26
CA LEU D 261 -3.92 0.79 6.12
C LEU D 261 -3.50 -0.57 6.69
N ILE D 262 -4.18 -1.16 7.75
CA ILE D 262 -3.78 -2.48 8.32
C ILE D 262 -3.82 -3.63 7.36
N ARG D 263 -4.75 -3.57 6.40
CA ARG D 263 -4.89 -4.63 5.43
C ARG D 263 -3.65 -4.73 4.57
N ASN D 264 -3.23 -5.96 4.29
CA ASN D 264 -2.04 -6.24 3.49
C ASN D 264 -2.51 -7.00 2.24
N PRO D 265 -2.96 -6.26 1.17
CA PRO D 265 -3.40 -6.94 -0.07
C PRO D 265 -2.32 -7.79 -0.71
N CYS D 266 -1.04 -7.37 -0.61
CA CYS D 266 0.10 -8.09 -1.17
C CYS D 266 0.29 -9.47 -0.56
N ARG D 267 0.04 -9.61 0.76
CA ARG D 267 0.15 -10.89 1.44
C ARG D 267 -0.86 -11.89 0.84
N LYS D 268 -2.12 -11.47 0.67
CA LYS D 268 -3.22 -12.26 0.10
C LYS D 268 -2.90 -12.70 -1.34
N ILE D 269 -2.37 -11.77 -2.16
CA ILE D 269 -1.96 -12.05 -3.56
C ILE D 269 -0.86 -13.11 -3.55
N LEU D 270 0.21 -12.89 -2.77
CA LEU D 270 1.31 -13.84 -2.64
C LEU D 270 0.85 -15.24 -2.26
N GLU D 271 -0.01 -15.35 -1.23
CA GLU D 271 -0.54 -16.63 -0.74
C GLU D 271 -1.25 -17.43 -1.84
N GLU D 272 -2.05 -16.74 -2.67
CA GLU D 272 -2.76 -17.32 -3.80
C GLU D 272 -1.75 -17.81 -4.87
N LEU D 273 -0.70 -17.01 -5.16
CA LEU D 273 0.33 -17.38 -6.12
C LEU D 273 1.16 -18.62 -5.69
N TYR D 274 1.38 -18.80 -4.36
CA TYR D 274 2.11 -19.96 -3.83
C TYR D 274 1.24 -21.20 -3.72
N SER D 275 -0.10 -21.03 -3.62
CA SER D 275 -1.06 -22.14 -3.47
C SER D 275 -0.98 -23.22 -4.59
N THR D 276 -0.46 -22.83 -5.75
CA THR D 276 -0.30 -23.69 -6.93
C THR D 276 1.09 -24.38 -6.94
N SER D 277 2.01 -23.91 -6.08
CA SER D 277 3.38 -24.44 -6.00
C SER D 277 3.58 -25.67 -5.11
N TYR D 278 2.51 -26.15 -4.43
CA TYR D 278 2.59 -27.32 -3.54
C TYR D 278 1.47 -28.35 -3.76
N ASN D 279 1.80 -29.62 -3.46
CA ASN D 279 0.96 -30.83 -3.60
C ASN D 279 0.80 -31.53 -2.24
N MET D 280 -0.42 -31.47 -1.68
CA MET D 280 -0.73 -32.05 -0.36
C MET D 280 -1.35 -33.43 -0.36
N ASP D 281 -1.65 -33.99 -1.54
CA ASP D 281 -2.27 -35.32 -1.61
C ASP D 281 -1.31 -36.45 -1.33
N ARG D 282 -1.16 -36.72 -0.03
CA ARG D 282 -0.38 -37.74 0.67
C ARG D 282 -0.68 -37.59 2.17
N PHE D 283 -1.20 -36.40 2.55
CA PHE D 283 -1.61 -36.05 3.91
C PHE D 283 -3.13 -36.13 4.00
#